data_4H8U
#
_entry.id   4H8U
#
_cell.length_a   64.37
_cell.length_b   73.68
_cell.length_c   82.67
_cell.angle_alpha   66.15
_cell.angle_beta   74.29
_cell.angle_gamma   72.42
#
_symmetry.space_group_name_H-M   'P 1'
#
loop_
_entity.id
_entity.type
_entity.pdbx_description
1 polymer 'Sucrose isomerase'
2 branched beta-D-fructofuranose-(2-1)-alpha-D-glucopyranose
3 non-polymer GLYCEROL
4 non-polymer 'CALCIUM ION'
5 non-polymer 1-O-alpha-D-glucopyranosyl-D-fructose
6 water water
#
_entity_poly.entity_id   1
_entity_poly.type   'polypeptide(L)'
_entity_poly.pdbx_seq_one_letter_code
;KPGAPWWKSAVFYQVYPRSFKDTNGDGIGDFKGLTEKLDYLKGLGIDAIWINPHYASPNTDNGYDISDYREVMKEYGTME
DFDRLMAELKKRGMRLMVDVVINHSSDQHEWFKSSRASKDNPYRDYYFWRDGKDGHEPNNYPSFFGGSAWEKDPVTGQYY
LHYFGRQQPDLNWDTPKLREELYAMLRFWLDKGVSGMRFATVATYSKTPGFPDLTPEQMKNFAEAYTQGPNLHRYLQEMH
EKVFDHYDAVTAGEIFGAPLNQVPLFIDSRRKELDMAFTFDLIRYDRALDRWHTIPRTLADFRQTIDKVDAIAGEYGWNT
FFLGNHDNPRAVSHFGDDRPQWREASAKALATVTLTQRGTPFIFQGDELGMTNYPFKTLQDFDDIEVKGFFQDYVETGKA
TAEELLTNVALTSRNNARTPFQWDDSANAGFTTGKPWLKVNPNYTEINAAREIGDPKSVYSFYRNLISIRHETPALSTGS
YRDIDPSNADVYAYTRSQDGETYLVVVNFKAEPRSFTLPDGMHIAETLIESSSPAAPAAGAASLELQPWQSGIYKVK
;
_entity_poly.pdbx_strand_id   A,B
#
# COMPACT_ATOMS: atom_id res chain seq x y z
N ALA A 4 16.32 50.15 19.57
CA ALA A 4 17.15 49.46 18.51
C ALA A 4 17.79 48.19 19.07
N PRO A 5 17.22 47.01 18.75
CA PRO A 5 17.81 45.82 19.37
C PRO A 5 19.20 45.53 18.84
N TRP A 6 19.91 44.64 19.53
CA TRP A 6 21.27 44.32 19.18
C TRP A 6 21.34 43.85 17.74
N TRP A 7 20.30 43.17 17.30
CA TRP A 7 20.37 42.52 16.00
C TRP A 7 20.31 43.51 14.83
N LYS A 8 19.81 44.72 15.06
CA LYS A 8 19.77 45.69 13.97
C LYS A 8 21.13 46.21 13.63
N SER A 9 22.06 46.20 14.58
CA SER A 9 23.40 46.72 14.24
C SER A 9 24.44 45.63 14.25
N ALA A 10 24.02 44.37 14.29
CA ALA A 10 24.98 43.25 14.22
C ALA A 10 25.38 42.91 12.78
N VAL A 11 26.59 42.33 12.63
CA VAL A 11 27.08 41.79 11.38
C VAL A 11 27.19 40.30 11.62
N PHE A 12 26.50 39.55 10.77
CA PHE A 12 26.46 38.08 10.86
C PHE A 12 27.35 37.45 9.82
N TYR A 13 27.76 36.21 10.11
CA TYR A 13 28.58 35.44 9.21
C TYR A 13 27.91 34.06 9.18
N GLN A 14 27.67 33.56 7.97
CA GLN A 14 26.98 32.30 7.78
C GLN A 14 28.03 31.22 7.54
N VAL A 15 27.97 30.16 8.34
CA VAL A 15 28.93 29.07 8.24
C VAL A 15 28.14 27.85 7.80
N TYR A 16 28.48 27.32 6.65
CA TYR A 16 27.91 26.06 6.18
C TYR A 16 28.86 25.03 6.78
N PRO A 17 28.50 24.42 7.94
CA PRO A 17 29.57 23.64 8.58
C PRO A 17 30.17 22.51 7.74
N ARG A 18 29.36 21.89 6.90
CA ARG A 18 29.85 20.79 6.08
C ARG A 18 31.10 21.20 5.27
N SER A 19 31.24 22.49 4.96
CA SER A 19 32.37 22.92 4.15
C SER A 19 33.27 23.97 4.78
N PHE A 20 33.24 24.10 6.09
CA PHE A 20 34.02 25.14 6.72
C PHE A 20 35.42 24.63 7.15
N LYS A 21 35.46 23.59 7.97
CA LYS A 21 36.75 23.08 8.42
C LYS A 21 36.58 21.70 8.98
N ASP A 22 37.22 20.72 8.34
CA ASP A 22 37.24 19.34 8.79
C ASP A 22 38.35 19.16 9.85
N THR A 23 38.10 18.39 10.90
CA THR A 23 39.15 18.14 11.89
C THR A 23 39.48 16.67 12.06
N ASN A 24 38.86 15.79 11.26
CA ASN A 24 39.18 14.36 11.37
C ASN A 24 39.44 13.60 10.06
N GLY A 25 39.72 14.30 8.97
CA GLY A 25 40.07 13.63 7.70
C GLY A 25 38.95 13.00 6.86
N ASP A 26 37.72 13.00 7.37
CA ASP A 26 36.64 12.38 6.63
C ASP A 26 36.18 13.25 5.45
N GLY A 27 36.82 14.40 5.25
CA GLY A 27 36.43 15.27 4.14
C GLY A 27 35.18 16.09 4.39
N ILE A 28 34.64 16.05 5.61
CA ILE A 28 33.42 16.86 5.93
C ILE A 28 33.75 17.85 7.05
N GLY A 29 33.38 19.12 6.91
CA GLY A 29 33.59 20.05 8.04
C GLY A 29 32.74 19.67 9.24
N ASP A 30 33.16 20.08 10.43
CA ASP A 30 32.54 19.60 11.64
C ASP A 30 32.59 20.70 12.71
N PHE A 31 31.97 20.43 13.86
CA PHE A 31 31.89 21.41 14.95
C PHE A 31 33.27 21.76 15.47
N LYS A 32 34.09 20.74 15.79
CA LYS A 32 35.44 21.05 16.26
C LYS A 32 36.16 22.01 15.32
N GLY A 33 35.94 21.82 14.01
CA GLY A 33 36.64 22.67 13.05
C GLY A 33 36.14 24.10 13.12
N LEU A 34 34.85 24.28 13.39
CA LEU A 34 34.29 25.63 13.56
C LEU A 34 34.81 26.25 14.85
N THR A 35 34.81 25.48 15.93
CA THR A 35 35.25 25.98 17.24
C THR A 35 36.72 26.44 17.18
N GLU A 36 37.51 25.75 16.36
CA GLU A 36 38.91 26.09 16.18
C GLU A 36 39.13 27.42 15.47
N LYS A 37 38.08 27.92 14.82
CA LYS A 37 38.28 29.06 13.95
C LYS A 37 37.52 30.27 14.44
N LEU A 38 37.00 30.22 15.67
CA LEU A 38 36.24 31.35 16.23
C LEU A 38 37.09 32.60 16.33
N ASP A 39 38.36 32.38 16.68
CA ASP A 39 39.34 33.45 16.78
C ASP A 39 39.47 34.18 15.47
N TYR A 40 39.58 33.40 14.40
CA TYR A 40 39.58 33.96 13.06
C TYR A 40 38.30 34.80 12.83
N LEU A 41 37.14 34.20 13.12
CA LEU A 41 35.87 34.94 13.00
C LEU A 41 35.78 36.19 13.89
N LYS A 42 36.11 36.06 15.17
CA LYS A 42 36.20 37.22 16.06
C LYS A 42 37.10 38.33 15.47
N GLY A 43 38.31 37.93 15.03
CA GLY A 43 39.32 38.86 14.50
C GLY A 43 38.84 39.63 13.28
N LEU A 44 37.94 39.00 12.53
CA LEU A 44 37.31 39.64 11.38
C LEU A 44 36.31 40.73 11.80
N GLY A 45 35.79 40.63 13.01
CA GLY A 45 34.77 41.59 13.50
C GLY A 45 33.35 41.03 13.67
N ILE A 46 33.23 39.69 13.61
CA ILE A 46 31.94 39.01 13.54
C ILE A 46 31.33 38.87 14.95
N ASP A 47 30.11 39.42 15.10
CA ASP A 47 29.32 39.44 16.34
C ASP A 47 28.48 38.16 16.51
N ALA A 48 28.17 37.48 15.41
CA ALA A 48 27.19 36.40 15.38
C ALA A 48 27.30 35.54 14.14
N ILE A 49 27.12 34.24 14.35
CA ILE A 49 27.18 33.25 13.30
C ILE A 49 25.81 32.58 13.12
N TRP A 50 25.39 32.40 11.87
CA TRP A 50 24.26 31.57 11.57
C TRP A 50 24.87 30.32 10.95
N ILE A 51 24.61 29.17 11.55
CA ILE A 51 25.00 27.87 11.02
C ILE A 51 23.81 27.14 10.37
N ASN A 52 24.09 26.53 9.21
CA ASN A 52 23.10 25.71 8.52
C ASN A 52 22.81 24.45 9.36
N PRO A 53 21.77 23.70 8.99
CA PRO A 53 21.32 22.60 9.83
C PRO A 53 22.42 21.69 10.34
N HIS A 54 22.39 21.51 11.65
CA HIS A 54 23.36 20.72 12.38
C HIS A 54 22.74 19.53 13.09
N TYR A 55 21.53 19.09 12.67
CA TYR A 55 20.80 17.97 13.36
C TYR A 55 20.98 16.64 12.66
N ALA A 56 20.71 15.55 13.38
CA ALA A 56 20.79 14.23 12.75
C ALA A 56 20.00 14.19 11.42
N SER A 57 20.66 13.67 10.37
CA SER A 57 20.12 13.74 9.04
C SER A 57 20.71 12.66 8.14
N PRO A 58 19.89 12.02 7.27
CA PRO A 58 20.49 11.15 6.25
C PRO A 58 21.24 11.92 5.16
N ASN A 59 21.10 13.24 5.16
CA ASN A 59 21.80 14.07 4.19
C ASN A 59 21.44 13.87 2.71
N THR A 60 20.18 13.59 2.43
CA THR A 60 19.74 13.65 1.04
C THR A 60 19.76 15.15 0.63
N ASP A 61 19.73 16.03 1.62
CA ASP A 61 19.80 17.47 1.30
C ASP A 61 20.66 18.18 2.33
N ASN A 62 21.80 17.55 2.61
CA ASN A 62 22.83 18.11 3.47
C ASN A 62 22.29 18.85 4.70
N GLY A 63 21.48 18.12 5.46
CA GLY A 63 20.96 18.57 6.75
C GLY A 63 19.56 19.14 6.72
N TYR A 64 19.08 19.50 5.53
CA TYR A 64 17.70 19.93 5.44
C TYR A 64 16.65 18.79 5.46
N ASP A 65 17.08 17.55 5.64
CA ASP A 65 16.16 16.42 5.86
C ASP A 65 16.52 15.86 7.22
N ILE A 66 15.76 16.26 8.22
CA ILE A 66 16.16 16.06 9.62
C ILE A 66 15.45 14.86 10.17
N SER A 67 16.21 13.94 10.72
CA SER A 67 15.63 12.71 11.22
C SER A 67 15.45 12.68 12.75
N ASP A 68 16.03 13.65 13.44
CA ASP A 68 15.83 13.81 14.89
C ASP A 68 16.19 15.26 15.21
N TYR A 69 15.21 16.06 15.61
CA TYR A 69 15.47 17.48 15.88
C TYR A 69 16.28 17.69 17.19
N ARG A 70 16.43 16.62 17.97
CA ARG A 70 17.09 16.77 19.25
C ARG A 70 18.44 16.10 19.33
N GLU A 71 18.95 15.65 18.20
CA GLU A 71 20.30 15.15 18.17
C GLU A 71 21.09 15.93 17.15
N VAL A 72 22.40 15.94 17.34
CA VAL A 72 23.34 16.64 16.49
C VAL A 72 23.72 15.75 15.31
N MET A 73 24.03 16.35 14.16
CA MET A 73 24.42 15.54 13.01
C MET A 73 25.66 14.72 13.34
N LYS A 74 25.64 13.41 13.09
CA LYS A 74 26.81 12.55 13.37
C LYS A 74 28.09 13.07 12.69
N GLU A 75 27.98 13.54 11.45
CA GLU A 75 29.15 14.14 10.80
C GLU A 75 29.72 15.36 11.53
N TYR A 76 28.87 16.16 12.20
CA TYR A 76 29.44 17.36 12.83
C TYR A 76 30.08 17.11 14.22
N GLY A 77 29.69 16.03 14.89
CA GLY A 77 30.20 15.72 16.23
C GLY A 77 29.12 15.17 17.14
N THR A 78 29.16 15.54 18.43
CA THR A 78 28.20 15.06 19.43
C THR A 78 27.56 16.27 20.13
N MET A 79 26.63 16.02 21.04
CA MET A 79 25.95 17.12 21.72
C MET A 79 26.96 17.92 22.54
N GLU A 80 27.85 17.20 23.21
CA GLU A 80 29.02 17.78 23.85
C GLU A 80 29.87 18.70 22.95
N ASP A 81 30.06 18.34 21.67
CA ASP A 81 30.75 19.26 20.75
C ASP A 81 29.91 20.51 20.48
N PHE A 82 28.59 20.36 20.36
CA PHE A 82 27.72 21.54 20.16
C PHE A 82 27.76 22.48 21.38
N ASP A 83 27.73 21.89 22.58
CA ASP A 83 27.78 22.67 23.83
C ASP A 83 29.08 23.44 23.98
N ARG A 84 30.17 22.81 23.56
CA ARG A 84 31.48 23.46 23.63
C ARG A 84 31.53 24.61 22.64
N LEU A 85 30.91 24.43 21.46
CA LEU A 85 30.85 25.53 20.46
C LEU A 85 30.15 26.74 21.09
N MET A 86 28.99 26.46 21.67
CA MET A 86 28.21 27.46 22.40
CA MET A 86 28.21 27.45 22.42
C MET A 86 29.05 28.17 23.47
N ALA A 87 29.69 27.39 24.34
CA ALA A 87 30.59 27.92 25.38
C ALA A 87 31.72 28.82 24.82
N GLU A 88 32.40 28.34 23.78
CA GLU A 88 33.52 29.07 23.17
C GLU A 88 33.07 30.31 22.41
N LEU A 89 31.89 30.25 21.81
CA LEU A 89 31.29 31.45 21.27
C LEU A 89 31.06 32.49 22.39
N LYS A 90 30.43 32.04 23.48
CA LYS A 90 30.10 32.94 24.59
C LYS A 90 31.38 33.58 25.18
N LYS A 91 32.47 32.82 25.28
CA LYS A 91 33.74 33.39 25.78
C LYS A 91 34.21 34.62 25.00
N ARG A 92 33.78 34.71 23.74
CA ARG A 92 34.21 35.76 22.85
C ARG A 92 33.12 36.81 22.68
N GLY A 93 32.07 36.66 23.49
CA GLY A 93 30.90 37.55 23.43
C GLY A 93 30.24 37.44 22.06
N MET A 94 30.33 36.26 21.46
CA MET A 94 29.68 35.97 20.17
C MET A 94 28.33 35.26 20.34
N ARG A 95 27.41 35.46 19.38
CA ARG A 95 26.08 34.80 19.39
C ARG A 95 25.85 33.79 18.25
N LEU A 96 25.04 32.77 18.52
CA LEU A 96 24.71 31.73 17.55
C LEU A 96 23.25 31.79 17.10
N MET A 97 23.05 31.74 15.79
CA MET A 97 21.74 31.54 15.18
C MET A 97 21.74 30.13 14.56
N VAL A 98 20.73 29.33 14.89
CA VAL A 98 20.56 28.02 14.26
C VAL A 98 19.48 28.08 13.18
N ASP A 99 19.53 27.10 12.27
CA ASP A 99 18.60 26.97 11.17
C ASP A 99 17.49 26.07 11.72
N VAL A 100 16.26 26.36 11.36
CA VAL A 100 15.11 25.64 11.86
C VAL A 100 14.36 25.20 10.64
N VAL A 101 14.29 23.88 10.47
CA VAL A 101 13.73 23.28 9.25
C VAL A 101 12.44 22.51 9.64
N ILE A 102 11.32 23.24 9.67
CA ILE A 102 10.04 22.64 10.16
C ILE A 102 8.88 22.77 9.17
N ASN A 103 9.25 22.92 7.92
CA ASN A 103 8.24 22.79 6.88
C ASN A 103 8.10 21.31 6.58
N HIS A 104 9.19 20.57 6.79
CA HIS A 104 9.25 19.16 6.43
C HIS A 104 10.29 18.53 7.31
N SER A 105 10.27 17.21 7.45
CA SER A 105 11.34 16.45 8.12
C SER A 105 11.87 15.41 7.14
N SER A 106 12.85 14.64 7.56
CA SER A 106 13.29 13.49 6.78
C SER A 106 12.25 12.38 6.82
N ASP A 107 12.26 11.52 5.80
CA ASP A 107 11.36 10.40 5.81
C ASP A 107 11.86 9.30 6.78
N GLN A 108 13.00 9.53 7.40
CA GLN A 108 13.53 8.61 8.41
C GLN A 108 13.25 9.11 9.83
N HIS A 109 12.58 10.26 9.97
CA HIS A 109 12.13 10.73 11.30
C HIS A 109 11.15 9.72 11.89
N GLU A 110 11.24 9.47 13.19
CA GLU A 110 10.40 8.45 13.79
C GLU A 110 8.93 8.76 13.56
N TRP A 111 8.58 10.03 13.57
CA TRP A 111 7.20 10.42 13.36
C TRP A 111 6.62 9.92 12.03
N PHE A 112 7.41 9.99 10.98
CA PHE A 112 6.96 9.56 9.65
C PHE A 112 6.95 8.02 9.55
N LYS A 113 7.95 7.38 10.12
CA LYS A 113 7.97 5.92 10.16
C LYS A 113 6.68 5.41 10.82
N SER A 114 6.26 6.06 11.92
CA SER A 114 5.00 5.73 12.56
C SER A 114 3.85 6.12 11.66
N SER A 115 3.90 7.34 11.14
CA SER A 115 2.78 7.89 10.39
C SER A 115 2.43 7.03 9.17
N ARG A 116 3.45 6.49 8.54
CA ARG A 116 3.27 5.76 7.28
C ARG A 116 2.80 4.30 7.47
N ALA A 117 2.61 3.88 8.72
CA ALA A 117 2.38 2.47 9.03
C ALA A 117 0.95 2.00 8.74
N SER A 118 -0.02 2.85 8.98
CA SER A 118 -1.43 2.53 8.82
C SER A 118 -2.19 3.87 8.73
N LYS A 119 -3.44 3.86 8.29
CA LYS A 119 -4.18 5.13 8.26
C LYS A 119 -4.68 5.55 9.66
N ASP A 120 -4.63 4.63 10.63
CA ASP A 120 -5.17 4.90 11.97
C ASP A 120 -4.09 5.13 12.98
N ASN A 121 -2.85 5.16 12.51
CA ASN A 121 -1.71 5.45 13.37
C ASN A 121 -1.86 6.85 14.02
N PRO A 122 -1.51 6.96 15.32
CA PRO A 122 -1.61 8.25 16.04
C PRO A 122 -0.77 9.37 15.38
N TYR A 123 0.19 9.03 14.54
CA TYR A 123 1.04 10.02 13.84
C TYR A 123 0.61 10.30 12.38
N ARG A 124 -0.51 9.72 11.98
CA ARG A 124 -0.89 9.76 10.57
C ARG A 124 -1.00 11.22 10.15
N ASP A 125 -1.57 12.05 11.01
CA ASP A 125 -1.83 13.45 10.68
C ASP A 125 -0.71 14.44 11.06
N TYR A 126 0.50 13.90 11.22
CA TYR A 126 1.73 14.69 11.39
C TYR A 126 2.25 15.08 10.00
N TYR A 127 1.70 14.43 8.98
CA TYR A 127 2.01 14.72 7.57
C TYR A 127 0.72 14.81 6.77
N PHE A 128 0.82 14.97 5.45
CA PHE A 128 -0.35 15.02 4.59
C PHE A 128 -0.50 13.78 3.74
N TRP A 129 -1.54 13.01 4.02
CA TRP A 129 -1.85 11.79 3.28
C TRP A 129 -3.17 11.92 2.54
N ARG A 130 -3.20 11.52 1.26
CA ARG A 130 -4.41 11.66 0.44
C ARG A 130 -4.54 10.58 -0.65
N ASP A 131 -5.79 10.24 -0.99
CA ASP A 131 -6.04 9.34 -2.12
C ASP A 131 -5.68 10.03 -3.43
N GLY A 132 -5.14 9.27 -4.38
CA GLY A 132 -4.97 9.77 -5.75
C GLY A 132 -6.33 10.06 -6.36
N LYS A 133 -6.38 10.97 -7.34
CA LYS A 133 -7.59 11.19 -8.14
C LYS A 133 -7.34 10.65 -9.56
N ASP A 134 -8.32 9.95 -10.12
CA ASP A 134 -8.29 9.49 -11.52
C ASP A 134 -7.09 8.62 -11.88
N GLY A 135 -6.76 7.65 -11.05
CA GLY A 135 -5.56 6.87 -11.34
C GLY A 135 -4.24 7.64 -11.24
N HIS A 136 -4.29 8.94 -10.99
CA HIS A 136 -3.07 9.76 -10.84
C HIS A 136 -2.91 10.35 -9.41
N GLU A 137 -1.91 11.22 -9.21
CA GLU A 137 -1.67 11.91 -7.92
C GLU A 137 -2.91 12.64 -7.40
N PRO A 138 -2.93 13.06 -6.10
CA PRO A 138 -4.13 13.77 -5.60
C PRO A 138 -4.42 15.08 -6.31
N ASN A 139 -3.38 15.74 -6.80
CA ASN A 139 -3.54 16.94 -7.61
C ASN A 139 -2.30 17.24 -8.46
N ASN A 140 -2.27 18.41 -9.12
CA ASN A 140 -1.18 18.70 -10.02
C ASN A 140 0.06 19.36 -9.41
N TYR A 141 0.15 19.43 -8.08
CA TYR A 141 1.32 20.06 -7.43
C TYR A 141 2.68 19.54 -7.92
N PRO A 142 3.57 20.47 -8.36
CA PRO A 142 4.96 20.10 -8.63
C PRO A 142 5.87 20.22 -7.40
N SER A 143 6.91 19.36 -7.32
CA SER A 143 8.00 19.47 -6.35
C SER A 143 9.16 20.33 -6.83
N PHE A 144 9.75 21.13 -5.93
CA PHE A 144 10.99 21.90 -6.20
C PHE A 144 12.18 21.03 -6.66
N PHE A 145 12.22 19.79 -6.17
CA PHE A 145 13.30 18.85 -6.46
C PHE A 145 12.95 17.70 -7.43
N GLY A 146 11.94 17.89 -8.27
CA GLY A 146 11.70 17.01 -9.44
C GLY A 146 10.34 16.31 -9.41
N GLY A 147 9.66 16.23 -10.54
CA GLY A 147 8.39 15.49 -10.60
C GLY A 147 7.31 16.01 -9.66
N SER A 148 6.36 15.12 -9.35
CA SER A 148 5.19 15.45 -8.51
C SER A 148 5.56 15.71 -7.03
N ALA A 149 4.82 16.60 -6.40
CA ALA A 149 4.93 16.82 -4.99
C ALA A 149 4.23 15.68 -4.22
N TRP A 150 3.58 14.76 -4.91
CA TRP A 150 2.94 13.63 -4.20
C TRP A 150 3.62 12.31 -4.46
N GLU A 151 3.80 11.51 -3.42
CA GLU A 151 4.51 10.25 -3.56
C GLU A 151 3.65 9.13 -2.97
N LYS A 152 3.30 8.13 -3.79
CA LYS A 152 2.50 7.00 -3.32
C LYS A 152 3.29 6.08 -2.40
N ASP A 153 2.65 5.68 -1.32
CA ASP A 153 3.27 4.74 -0.37
C ASP A 153 2.53 3.39 -0.48
N PRO A 154 3.21 2.35 -0.99
CA PRO A 154 2.54 1.05 -1.14
C PRO A 154 1.97 0.51 0.18
N VAL A 155 2.56 0.91 1.30
CA VAL A 155 2.05 0.49 2.61
C VAL A 155 0.57 0.78 2.90
N THR A 156 0.04 1.91 2.41
CA THR A 156 -1.38 2.23 2.62
C THR A 156 -2.12 2.57 1.31
N GLY A 157 -1.38 2.60 0.21
CA GLY A 157 -1.95 3.02 -1.07
C GLY A 157 -2.25 4.50 -1.19
N GLN A 158 -1.88 5.31 -0.19
CA GLN A 158 -2.11 6.76 -0.33
C GLN A 158 -0.79 7.49 -0.63
N TYR A 159 -0.92 8.77 -1.00
CA TYR A 159 0.22 9.62 -1.35
C TYR A 159 0.45 10.61 -0.21
N TYR A 160 1.73 10.83 0.13
CA TYR A 160 2.11 11.88 1.08
C TYR A 160 2.68 13.09 0.32
N LEU A 161 2.45 14.28 0.87
CA LEU A 161 2.95 15.52 0.27
C LEU A 161 4.45 15.84 0.60
N HIS A 162 5.23 16.23 -0.42
CA HIS A 162 6.61 16.74 -0.24
C HIS A 162 6.90 17.90 -1.23
N TYR A 163 6.91 19.16 -0.75
CA TYR A 163 7.23 20.28 -1.67
C TYR A 163 8.69 20.17 -2.17
N PHE A 164 9.54 19.63 -1.32
CA PHE A 164 10.91 19.44 -1.72
C PHE A 164 11.15 17.96 -2.03
N GLY A 165 12.28 17.41 -1.63
CA GLY A 165 12.62 16.08 -2.06
C GLY A 165 11.64 15.01 -1.60
N ARG A 166 11.61 13.91 -2.35
CA ARG A 166 10.84 12.72 -1.95
C ARG A 166 11.12 12.26 -0.50
N GLN A 167 12.34 12.48 -0.03
CA GLN A 167 12.68 12.04 1.33
C GLN A 167 12.56 13.15 2.38
N GLN A 168 11.77 14.17 2.03
CA GLN A 168 11.42 15.34 2.84
C GLN A 168 9.89 15.60 2.91
N PRO A 169 9.15 14.64 3.48
CA PRO A 169 7.70 14.81 3.68
C PRO A 169 7.30 16.06 4.49
N ASP A 170 6.42 16.88 3.92
CA ASP A 170 5.94 18.08 4.63
C ASP A 170 5.17 17.81 5.93
N LEU A 171 5.46 18.64 6.92
CA LEU A 171 4.86 18.48 8.24
C LEU A 171 3.50 19.11 8.26
N ASN A 172 2.55 18.50 8.97
CA ASN A 172 1.17 19.02 8.98
C ASN A 172 0.89 19.99 10.14
N TRP A 173 0.98 21.29 9.86
CA TRP A 173 0.78 22.36 10.84
C TRP A 173 -0.71 22.54 11.26
N ASP A 174 -1.63 21.99 10.47
CA ASP A 174 -3.04 21.99 10.84
C ASP A 174 -3.36 21.10 12.05
N THR A 175 -2.41 20.29 12.49
CA THR A 175 -2.62 19.37 13.59
C THR A 175 -2.01 19.96 14.89
N PRO A 176 -2.88 20.35 15.86
CA PRO A 176 -2.36 21.04 17.04
C PRO A 176 -1.28 20.24 17.75
N LYS A 177 -1.48 18.92 17.90
CA LYS A 177 -0.46 18.10 18.54
C LYS A 177 0.90 18.23 17.86
N LEU A 178 0.97 18.30 16.54
CA LEU A 178 2.28 18.48 15.90
C LEU A 178 2.85 19.87 16.20
N ARG A 179 2.03 20.92 16.08
CA ARG A 179 2.54 22.24 16.45
C ARG A 179 3.11 22.26 17.88
N GLU A 180 2.49 21.56 18.82
CA GLU A 180 2.98 21.63 20.20
C GLU A 180 4.34 20.94 20.30
N GLU A 181 4.49 19.85 19.55
CA GLU A 181 5.78 19.16 19.47
C GLU A 181 6.89 20.07 18.91
N LEU A 182 6.59 20.71 17.79
CA LEU A 182 7.53 21.67 17.20
C LEU A 182 7.95 22.75 18.24
N TYR A 183 6.97 23.34 18.92
CA TYR A 183 7.27 24.36 19.93
C TYR A 183 8.18 23.82 21.04
N ALA A 184 7.91 22.58 21.47
CA ALA A 184 8.71 21.96 22.53
C ALA A 184 10.13 21.73 22.03
N MET A 185 10.26 21.32 20.78
CA MET A 185 11.54 21.22 20.13
C MET A 185 12.24 22.60 20.07
N LEU A 186 11.54 23.67 19.69
CA LEU A 186 12.22 24.96 19.70
C LEU A 186 12.68 25.28 21.17
N ARG A 187 11.88 25.00 22.18
CA ARG A 187 12.36 25.35 23.53
C ARG A 187 13.63 24.56 23.93
N PHE A 188 13.70 23.32 23.50
CA PHE A 188 14.87 22.50 23.80
C PHE A 188 16.14 23.22 23.37
N TRP A 189 16.17 23.76 22.15
CA TRP A 189 17.35 24.49 21.68
C TRP A 189 17.52 25.88 22.33
N LEU A 190 16.42 26.59 22.48
CA LEU A 190 16.46 27.91 23.10
C LEU A 190 16.94 27.86 24.56
N ASP A 191 16.47 26.85 25.30
CA ASP A 191 16.92 26.65 26.66
C ASP A 191 18.44 26.39 26.76
N LYS A 192 19.07 25.96 25.67
CA LYS A 192 20.53 25.80 25.64
C LYS A 192 21.23 27.14 25.38
N GLY A 193 20.45 28.20 25.19
CA GLY A 193 21.01 29.54 25.05
C GLY A 193 21.29 29.99 23.62
N VAL A 194 20.64 29.35 22.66
CA VAL A 194 20.74 29.78 21.28
C VAL A 194 20.14 31.21 21.18
N SER A 195 20.84 32.12 20.50
CA SER A 195 20.47 33.56 20.36
C SER A 195 19.60 33.95 19.15
N GLY A 196 19.49 33.06 18.17
CA GLY A 196 18.79 33.42 16.93
C GLY A 196 18.32 32.12 16.31
N MET A 197 17.21 32.18 15.59
CA MET A 197 16.68 31.08 14.76
C MET A 197 16.23 31.60 13.41
N ARG A 198 16.71 30.95 12.36
CA ARG A 198 16.30 31.25 10.99
C ARG A 198 15.39 30.14 10.53
N PHE A 199 14.18 30.52 10.12
CA PHE A 199 13.22 29.54 9.69
C PHE A 199 13.28 29.31 8.18
N ALA A 200 13.81 28.16 7.77
CA ALA A 200 13.83 27.80 6.33
C ALA A 200 12.43 27.71 5.71
N THR A 201 12.27 28.29 4.50
CA THR A 201 10.97 28.30 3.77
C THR A 201 9.79 28.53 4.73
N VAL A 202 9.87 29.59 5.51
CA VAL A 202 8.89 29.85 6.57
C VAL A 202 7.47 30.12 5.98
N ALA A 203 7.43 30.54 4.71
CA ALA A 203 6.17 30.93 4.08
C ALA A 203 5.28 29.80 3.61
N THR A 204 5.81 28.56 3.61
CA THR A 204 5.07 27.41 3.08
C THR A 204 4.41 26.49 4.12
N TYR A 205 4.47 26.88 5.39
CA TYR A 205 3.97 26.05 6.47
C TYR A 205 2.46 25.77 6.34
N SER A 206 1.69 26.74 5.88
CA SER A 206 0.26 26.49 5.77
C SER A 206 -0.15 25.95 4.40
N LYS A 207 -0.82 24.80 4.39
CA LYS A 207 -1.30 24.18 3.15
C LYS A 207 -2.76 24.56 2.92
N THR A 208 -3.17 24.62 1.64
CA THR A 208 -4.57 24.95 1.29
C THR A 208 -5.57 23.81 1.51
N PRO A 209 -6.59 24.05 2.34
CA PRO A 209 -7.54 22.95 2.62
C PRO A 209 -8.13 22.41 1.31
N GLY A 210 -8.20 21.09 1.17
CA GLY A 210 -8.81 20.52 -0.04
C GLY A 210 -7.82 20.21 -1.14
N PHE A 211 -6.71 20.96 -1.16
CA PHE A 211 -5.66 20.72 -2.13
C PHE A 211 -6.20 20.72 -3.55
N PRO A 212 -6.96 21.79 -3.94
CA PRO A 212 -7.47 21.91 -5.32
C PRO A 212 -6.28 22.02 -6.26
N ASP A 213 -6.46 21.68 -7.53
CA ASP A 213 -5.37 21.76 -8.50
C ASP A 213 -4.96 23.23 -8.68
N LEU A 214 -3.69 23.47 -8.96
CA LEU A 214 -3.30 24.82 -9.36
C LEU A 214 -3.83 25.15 -10.78
N THR A 215 -4.24 26.40 -11.00
CA THR A 215 -4.54 26.95 -12.35
C THR A 215 -3.29 26.98 -13.23
N PRO A 216 -3.49 27.14 -14.56
CA PRO A 216 -2.26 27.27 -15.33
C PRO A 216 -1.41 28.48 -14.97
N GLU A 217 -2.03 29.62 -14.66
N GLU A 217 -2.04 29.62 -14.63
CA GLU A 217 -1.22 30.75 -14.21
CA GLU A 217 -1.26 30.79 -14.17
C GLU A 217 -0.46 30.32 -12.95
C GLU A 217 -0.47 30.28 -12.97
N GLN A 218 -1.20 29.83 -11.95
CA GLN A 218 -0.60 29.37 -10.70
C GLN A 218 0.53 28.40 -10.97
N MET A 219 0.35 27.50 -11.94
CA MET A 219 1.37 26.50 -12.23
C MET A 219 2.66 27.14 -12.75
N LYS A 220 2.53 28.23 -13.49
CA LYS A 220 3.69 29.00 -13.98
C LYS A 220 4.56 29.56 -12.83
N ASN A 221 3.94 29.93 -11.71
N ASN A 221 3.90 29.83 -11.71
CA ASN A 221 4.70 30.32 -10.52
CA ASN A 221 4.55 30.36 -10.52
C ASN A 221 4.22 29.58 -9.28
C ASN A 221 4.12 29.55 -9.30
N PHE A 222 4.54 28.28 -9.22
CA PHE A 222 4.04 27.42 -8.13
C PHE A 222 4.58 27.83 -6.78
N ALA A 223 5.82 28.29 -6.75
CA ALA A 223 6.46 28.72 -5.50
C ALA A 223 5.58 29.72 -4.79
N GLU A 224 5.02 30.64 -5.55
CA GLU A 224 4.24 31.70 -4.96
C GLU A 224 2.93 31.16 -4.44
N ALA A 225 2.38 30.16 -5.14
CA ALA A 225 1.12 29.58 -4.71
C ALA A 225 1.25 28.85 -3.37
N TYR A 226 2.42 28.29 -3.11
CA TYR A 226 2.61 27.49 -1.88
C TYR A 226 2.82 28.38 -0.65
N THR A 227 2.93 29.69 -0.87
CA THR A 227 3.07 30.61 0.23
C THR A 227 1.72 31.25 0.60
N GLN A 228 0.64 30.82 -0.05
CA GLN A 228 -0.69 31.43 0.15
C GLN A 228 -1.65 30.61 1.03
N GLY A 229 -1.09 29.76 1.89
CA GLY A 229 -1.89 29.01 2.86
C GLY A 229 -2.67 29.93 3.81
N PRO A 230 -3.95 29.59 4.06
CA PRO A 230 -4.79 30.60 4.73
C PRO A 230 -4.54 30.71 6.22
N ASN A 231 -3.85 29.75 6.83
CA ASN A 231 -3.52 29.84 8.25
C ASN A 231 -2.08 30.22 8.57
N LEU A 232 -1.31 30.68 7.58
CA LEU A 232 0.13 30.85 7.84
C LEU A 232 0.39 31.87 8.94
N HIS A 233 -0.22 33.07 8.87
CA HIS A 233 0.12 34.11 9.85
C HIS A 233 -0.41 33.79 11.19
N ARG A 234 -1.53 33.08 11.17
CA ARG A 234 -2.08 32.50 12.39
C ARG A 234 -1.07 31.58 13.07
N TYR A 235 -0.47 30.66 12.31
CA TYR A 235 0.52 29.76 12.89
C TYR A 235 1.80 30.44 13.40
N LEU A 236 2.29 31.45 12.67
CA LEU A 236 3.52 32.14 13.09
C LEU A 236 3.25 32.93 14.35
N GLN A 237 2.06 33.55 14.43
CA GLN A 237 1.71 34.31 15.64
C GLN A 237 1.54 33.36 16.80
N GLU A 238 1.04 32.16 16.55
CA GLU A 238 0.93 31.19 17.65
C GLU A 238 2.33 30.79 18.16
N MET A 239 3.24 30.52 17.23
CA MET A 239 4.61 30.17 17.58
C MET A 239 5.29 31.24 18.45
N HIS A 240 5.12 32.51 18.10
CA HIS A 240 5.61 33.62 18.93
C HIS A 240 5.01 33.66 20.32
N GLU A 241 3.72 33.40 20.46
CA GLU A 241 3.00 33.48 21.74
C GLU A 241 3.51 32.37 22.67
N LYS A 242 3.71 31.20 22.09
CA LYS A 242 4.03 30.05 22.91
C LYS A 242 5.50 29.80 23.06
N VAL A 243 6.30 30.45 22.21
CA VAL A 243 7.75 30.28 22.25
C VAL A 243 8.53 31.61 22.39
N PHE A 244 8.55 32.43 21.34
CA PHE A 244 9.55 33.49 21.27
C PHE A 244 9.26 34.64 22.21
N ASP A 245 8.01 34.72 22.65
CA ASP A 245 7.62 35.70 23.64
C ASP A 245 8.35 35.47 24.96
N HIS A 246 8.72 34.23 25.24
CA HIS A 246 9.29 33.84 26.52
C HIS A 246 10.83 33.86 26.54
N TYR A 247 11.43 34.20 25.40
CA TYR A 247 12.89 34.15 25.25
C TYR A 247 13.39 35.47 24.68
N ASP A 248 14.71 35.56 24.49
CA ASP A 248 15.31 36.77 24.04
C ASP A 248 15.99 36.61 22.66
N ALA A 249 15.65 35.56 21.90
CA ALA A 249 16.29 35.26 20.59
C ALA A 249 15.76 36.12 19.47
N VAL A 250 16.62 36.35 18.49
CA VAL A 250 16.13 36.98 17.26
C VAL A 250 15.59 35.91 16.29
N THR A 251 14.45 36.20 15.65
CA THR A 251 13.91 35.31 14.60
C THR A 251 14.05 35.86 13.17
N ALA A 252 14.40 34.99 12.24
CA ALA A 252 14.66 35.39 10.87
C ALA A 252 13.91 34.46 9.92
N GLY A 253 13.06 35.02 9.07
CA GLY A 253 12.25 34.20 8.17
C GLY A 253 12.83 34.12 6.77
N GLU A 254 13.04 32.89 6.28
CA GLU A 254 13.41 32.75 4.87
C GLU A 254 12.12 32.75 4.10
N ILE A 255 11.78 33.91 3.55
CA ILE A 255 10.50 34.04 2.89
C ILE A 255 10.58 33.71 1.42
N PHE A 256 10.65 32.40 1.15
CA PHE A 256 10.86 31.88 -0.20
C PHE A 256 9.59 31.83 -0.97
N GLY A 257 9.54 32.57 -2.09
CA GLY A 257 8.40 32.45 -2.99
C GLY A 257 7.29 33.46 -2.80
N ALA A 258 7.29 34.16 -1.66
CA ALA A 258 6.26 35.14 -1.35
C ALA A 258 6.42 36.47 -2.14
N PRO A 259 5.30 37.09 -2.54
CA PRO A 259 5.49 38.37 -3.15
C PRO A 259 5.98 39.39 -2.14
N LEU A 260 6.79 40.31 -2.62
CA LEU A 260 7.42 41.24 -1.71
C LEU A 260 6.39 41.99 -0.87
N ASN A 261 5.22 42.25 -1.46
CA ASN A 261 4.26 43.11 -0.78
C ASN A 261 3.63 42.45 0.43
N GLN A 262 3.83 41.14 0.55
CA GLN A 262 3.39 40.39 1.71
C GLN A 262 4.41 40.29 2.84
N VAL A 263 5.66 40.70 2.59
CA VAL A 263 6.75 40.55 3.57
C VAL A 263 6.45 41.28 4.88
N PRO A 264 5.86 42.49 4.81
CA PRO A 264 5.52 43.18 6.06
C PRO A 264 4.69 42.33 7.07
N LEU A 265 3.92 41.35 6.60
CA LEU A 265 3.07 40.53 7.50
C LEU A 265 3.92 39.64 8.43
N PHE A 266 5.13 39.36 7.98
CA PHE A 266 6.08 38.47 8.66
C PHE A 266 6.96 39.20 9.66
N ILE A 267 7.24 40.48 9.40
CA ILE A 267 8.31 41.19 10.11
C ILE A 267 7.91 42.44 10.87
N ASP A 268 6.71 42.96 10.61
CA ASP A 268 6.24 44.12 11.37
C ASP A 268 6.23 43.74 12.84
N SER A 269 7.14 44.33 13.62
N SER A 269 7.12 44.34 13.64
CA SER A 269 7.25 44.14 15.07
CA SER A 269 7.23 44.07 15.07
C SER A 269 5.89 44.09 15.79
C SER A 269 5.88 44.09 15.80
N ARG A 270 4.96 44.92 15.34
CA ARG A 270 3.63 45.01 15.97
C ARG A 270 2.78 43.74 15.87
N ARG A 271 2.98 42.93 14.82
CA ARG A 271 2.21 41.70 14.57
C ARG A 271 2.72 40.52 15.39
N LYS A 272 3.92 40.62 15.98
CA LYS A 272 4.40 39.54 16.88
C LYS A 272 4.57 38.18 16.18
N GLU A 273 5.23 38.25 15.03
CA GLU A 273 5.56 37.03 14.27
C GLU A 273 7.08 36.87 14.26
N LEU A 274 7.78 37.47 13.30
CA LEU A 274 9.24 37.36 13.21
C LEU A 274 9.97 38.73 13.32
N ASP A 275 11.29 38.69 13.59
CA ASP A 275 12.10 39.92 13.64
C ASP A 275 12.64 40.42 12.32
N MET A 276 13.17 39.51 11.51
CA MET A 276 13.71 39.98 10.24
C MET A 276 13.52 39.07 9.07
N ALA A 277 13.58 39.64 7.88
CA ALA A 277 13.33 38.92 6.63
C ALA A 277 14.58 38.57 5.80
N PHE A 278 14.67 37.31 5.39
CA PHE A 278 15.50 36.91 4.27
C PHE A 278 14.56 36.86 3.05
N THR A 279 14.79 37.75 2.07
CA THR A 279 14.04 37.71 0.83
C THR A 279 14.93 37.30 -0.35
N PHE A 280 14.29 36.97 -1.49
CA PHE A 280 14.93 36.45 -2.70
CA PHE A 280 15.09 36.57 -2.63
C PHE A 280 14.93 37.44 -3.87
N ASP A 281 14.15 38.52 -3.77
CA ASP A 281 14.09 39.46 -4.89
C ASP A 281 15.45 39.90 -5.41
N LEU A 282 16.36 40.27 -4.52
CA LEU A 282 17.67 40.72 -5.01
C LEU A 282 18.56 39.62 -5.53
N ILE A 283 18.74 38.55 -4.75
CA ILE A 283 19.73 37.52 -5.11
C ILE A 283 19.29 36.62 -6.27
N ARG A 284 17.98 36.55 -6.52
CA ARG A 284 17.43 35.91 -7.70
C ARG A 284 16.98 36.96 -8.73
N TYR A 285 17.51 38.17 -8.69
CA TYR A 285 16.92 39.21 -9.61
C TYR A 285 17.18 38.95 -11.08
N ASP A 286 18.17 38.12 -11.37
CA ASP A 286 18.49 37.74 -12.74
C ASP A 286 18.36 36.23 -12.97
N ARG A 287 17.47 35.59 -12.22
CA ARG A 287 17.24 34.15 -12.36
C ARG A 287 15.88 34.01 -13.05
N ALA A 288 15.80 33.12 -14.02
CA ALA A 288 14.53 32.87 -14.73
C ALA A 288 13.55 32.10 -13.76
N LEU A 289 12.26 32.00 -14.09
CA LEU A 289 11.28 31.31 -13.23
C LEU A 289 11.60 29.85 -12.96
N ASP A 290 12.34 29.26 -13.88
CA ASP A 290 12.78 27.87 -13.73
C ASP A 290 13.90 27.69 -12.72
N ARG A 291 14.41 28.80 -12.19
CA ARG A 291 15.48 28.77 -11.15
C ARG A 291 16.82 28.21 -11.61
N TRP A 292 16.96 28.00 -12.92
CA TRP A 292 18.24 27.56 -13.46
C TRP A 292 18.86 28.41 -14.57
N HIS A 293 18.00 29.02 -15.39
CA HIS A 293 18.47 29.98 -16.33
C HIS A 293 18.64 31.32 -15.69
N THR A 294 19.43 32.16 -16.36
CA THR A 294 19.78 33.50 -15.94
C THR A 294 19.12 34.43 -16.95
N ILE A 295 18.91 35.69 -16.58
CA ILE A 295 18.30 36.69 -17.50
C ILE A 295 19.17 37.92 -17.39
N PRO A 296 19.55 38.50 -18.52
CA PRO A 296 20.45 39.63 -18.31
C PRO A 296 19.77 40.80 -17.60
N ARG A 297 20.47 41.35 -16.58
CA ARG A 297 20.05 42.52 -15.83
C ARG A 297 21.15 43.61 -15.79
N THR A 298 20.78 44.84 -15.41
CA THR A 298 21.73 45.93 -15.29
C THR A 298 21.80 46.31 -13.81
N LEU A 299 22.78 47.14 -13.46
CA LEU A 299 22.77 47.84 -12.17
C LEU A 299 21.44 48.55 -11.88
N ALA A 300 20.80 49.12 -12.91
CA ALA A 300 19.51 49.79 -12.68
C ALA A 300 18.46 48.82 -12.10
N ASP A 301 18.42 47.60 -12.63
CA ASP A 301 17.58 46.52 -12.09
C ASP A 301 17.97 46.19 -10.64
N PHE A 302 19.27 46.04 -10.41
CA PHE A 302 19.82 45.73 -9.08
C PHE A 302 19.45 46.74 -7.98
N ARG A 303 19.70 48.04 -8.21
CA ARG A 303 19.39 49.05 -7.21
C ARG A 303 17.87 49.24 -7.04
N GLN A 304 17.11 49.09 -8.11
CA GLN A 304 15.66 49.28 -7.99
C GLN A 304 14.99 48.18 -7.15
N THR A 305 15.53 46.96 -7.23
CA THR A 305 15.05 45.86 -6.38
C THR A 305 15.36 46.14 -4.89
N ILE A 306 16.60 46.55 -4.62
CA ILE A 306 17.01 46.93 -3.28
C ILE A 306 16.08 48.01 -2.68
N ASP A 307 15.74 48.98 -3.51
CA ASP A 307 14.87 50.10 -3.13
C ASP A 307 13.43 49.61 -2.78
N LYS A 308 12.89 48.71 -3.62
CA LYS A 308 11.59 48.07 -3.38
C LYS A 308 11.66 47.26 -2.08
N VAL A 309 12.78 46.55 -1.89
CA VAL A 309 12.95 45.73 -0.70
C VAL A 309 13.05 46.63 0.55
N ASP A 310 13.87 47.68 0.51
CA ASP A 310 13.96 48.58 1.64
C ASP A 310 12.60 49.16 2.03
N ALA A 311 11.81 49.51 1.02
CA ALA A 311 10.51 50.13 1.23
C ALA A 311 9.53 49.25 2.00
N ILE A 312 9.63 47.91 1.92
CA ILE A 312 8.69 47.08 2.68
C ILE A 312 9.08 46.86 4.16
N ALA A 313 10.23 47.37 4.56
CA ALA A 313 10.57 47.41 5.99
C ALA A 313 9.73 48.41 6.76
N GLY A 314 9.33 49.50 6.11
CA GLY A 314 8.59 50.58 6.78
C GLY A 314 9.25 51.02 8.07
N GLU A 315 8.44 51.41 9.05
CA GLU A 315 8.92 51.85 10.35
C GLU A 315 9.12 50.69 11.32
N TYR A 316 8.31 49.66 11.21
CA TYR A 316 8.30 48.60 12.21
C TYR A 316 8.91 47.26 11.75
N GLY A 317 9.30 47.17 10.47
CA GLY A 317 9.86 45.91 9.93
C GLY A 317 11.39 45.98 9.85
N TRP A 318 12.05 44.86 9.57
CA TRP A 318 13.51 44.87 9.43
C TRP A 318 14.00 43.83 8.45
N ASN A 319 14.96 44.22 7.62
CA ASN A 319 15.50 43.32 6.59
C ASN A 319 16.87 42.76 6.95
N THR A 320 17.17 41.56 6.43
CA THR A 320 18.55 41.13 6.32
C THR A 320 19.10 41.67 4.99
N PHE A 321 20.41 41.66 4.85
CA PHE A 321 21.01 41.93 3.57
C PHE A 321 22.14 40.93 3.25
N PHE A 322 22.15 40.39 2.04
CA PHE A 322 23.15 39.39 1.68
C PHE A 322 23.27 39.34 0.16
N LEU A 323 24.47 39.06 -0.33
CA LEU A 323 24.76 38.92 -1.77
C LEU A 323 25.04 37.46 -2.07
N GLY A 324 25.20 36.71 -0.98
CA GLY A 324 25.51 35.30 -1.08
C GLY A 324 24.99 34.42 0.02
N ASN A 325 24.80 33.13 -0.31
CA ASN A 325 24.46 32.06 0.68
C ASN A 325 24.68 30.67 0.09
N HIS A 326 24.27 29.61 0.79
CA HIS A 326 24.62 28.25 0.42
C HIS A 326 23.75 27.70 -0.73
N ASP A 327 22.76 28.50 -1.17
CA ASP A 327 21.82 28.11 -2.24
C ASP A 327 22.06 28.90 -3.55
N ASN A 328 23.16 29.62 -3.64
CA ASN A 328 23.35 30.54 -4.77
C ASN A 328 24.79 30.57 -5.20
N PRO A 329 25.07 31.03 -6.44
CA PRO A 329 26.47 31.20 -6.91
C PRO A 329 27.24 32.25 -6.07
N ARG A 330 28.58 32.23 -6.18
CA ARG A 330 29.44 33.14 -5.45
C ARG A 330 29.19 34.60 -5.82
N ALA A 331 29.13 35.43 -4.79
CA ALA A 331 28.87 36.85 -4.94
C ALA A 331 29.77 37.57 -5.93
N VAL A 332 31.10 37.37 -5.85
CA VAL A 332 31.96 38.06 -6.81
C VAL A 332 31.74 37.55 -8.23
N SER A 333 31.49 36.25 -8.42
CA SER A 333 31.20 35.74 -9.76
C SER A 333 29.83 36.21 -10.29
N HIS A 334 28.86 36.34 -9.37
CA HIS A 334 27.45 36.65 -9.72
C HIS A 334 27.21 38.15 -9.93
N PHE A 335 27.64 38.98 -8.98
CA PHE A 335 27.44 40.42 -9.07
C PHE A 335 28.72 41.19 -9.38
N GLY A 336 29.88 40.55 -9.26
CA GLY A 336 31.13 41.23 -9.54
C GLY A 336 31.73 40.87 -10.88
N ASP A 337 33.07 40.86 -10.96
CA ASP A 337 33.80 40.37 -12.12
C ASP A 337 34.87 39.40 -11.59
N ASP A 338 34.74 38.09 -11.81
CA ASP A 338 35.71 37.17 -11.17
C ASP A 338 37.05 36.89 -11.93
N ARG A 339 37.23 37.53 -13.08
CA ARG A 339 38.49 37.39 -13.83
C ARG A 339 39.67 37.88 -12.98
N PRO A 340 40.85 37.22 -13.10
CA PRO A 340 41.96 37.53 -12.18
C PRO A 340 42.29 39.01 -12.04
N GLN A 341 42.16 39.79 -13.11
CA GLN A 341 42.50 41.21 -12.99
C GLN A 341 41.43 42.12 -12.37
N TRP A 342 40.17 41.65 -12.24
CA TRP A 342 39.10 42.49 -11.65
C TRP A 342 38.46 41.91 -10.36
N ARG A 343 38.86 40.70 -10.03
CA ARG A 343 38.29 39.93 -8.93
C ARG A 343 38.34 40.63 -7.55
N GLU A 344 39.53 41.04 -7.13
CA GLU A 344 39.74 41.68 -5.85
C GLU A 344 39.12 43.04 -5.83
N ALA A 345 39.31 43.78 -6.92
CA ALA A 345 38.73 45.13 -7.00
C ALA A 345 37.19 45.04 -6.87
N SER A 346 36.53 44.22 -7.68
CA SER A 346 35.07 44.08 -7.61
C SER A 346 34.56 43.42 -6.32
N ALA A 347 35.34 42.48 -5.76
CA ALA A 347 35.01 41.87 -4.47
C ALA A 347 34.96 42.94 -3.34
N LYS A 348 35.92 43.87 -3.36
CA LYS A 348 35.95 44.93 -2.37
C LYS A 348 34.72 45.84 -2.59
N ALA A 349 34.42 46.12 -3.86
CA ALA A 349 33.30 47.00 -4.21
C ALA A 349 32.01 46.37 -3.70
N LEU A 350 31.90 45.05 -3.84
CA LEU A 350 30.74 44.32 -3.28
C LEU A 350 30.70 44.35 -1.75
N ALA A 351 31.87 44.25 -1.10
CA ALA A 351 32.03 44.39 0.33
C ALA A 351 31.47 45.75 0.81
N THR A 352 31.87 46.81 0.14
CA THR A 352 31.38 48.14 0.44
C THR A 352 29.85 48.24 0.38
N VAL A 353 29.25 47.68 -0.69
CA VAL A 353 27.78 47.55 -0.78
C VAL A 353 27.19 46.81 0.43
N THR A 354 27.56 45.55 0.59
CA THR A 354 27.06 44.69 1.69
C THR A 354 27.03 45.42 3.05
N LEU A 355 28.12 46.12 3.36
CA LEU A 355 28.27 46.63 4.69
C LEU A 355 27.73 48.04 4.86
N THR A 356 27.09 48.57 3.81
CA THR A 356 26.49 49.88 3.99
C THR A 356 25.02 49.85 3.65
N GLN A 357 24.48 48.65 3.53
CA GLN A 357 23.06 48.52 3.36
C GLN A 357 22.36 48.67 4.66
N ARG A 358 21.12 49.12 4.59
CA ARG A 358 20.29 49.22 5.78
C ARG A 358 19.75 47.82 5.94
N GLY A 359 19.73 47.30 7.15
CA GLY A 359 19.31 45.91 7.38
C GLY A 359 20.49 45.26 8.10
N THR A 360 20.40 43.98 8.42
CA THR A 360 21.47 43.31 9.10
C THR A 360 22.19 42.51 8.05
N PRO A 361 23.48 42.81 7.79
CA PRO A 361 24.14 42.06 6.72
C PRO A 361 24.57 40.65 7.15
N PHE A 362 24.47 39.72 6.20
CA PHE A 362 25.02 38.39 6.40
C PHE A 362 26.11 38.20 5.36
N ILE A 363 27.30 37.85 5.86
CA ILE A 363 28.42 37.62 4.97
C ILE A 363 28.57 36.11 4.86
N PHE A 364 28.61 35.57 3.63
CA PHE A 364 28.73 34.10 3.39
C PHE A 364 30.19 33.63 3.48
N GLN A 365 30.47 32.54 4.20
CA GLN A 365 31.85 32.04 4.35
C GLN A 365 32.64 32.00 3.04
N GLY A 366 33.81 32.64 3.05
CA GLY A 366 34.60 32.69 1.83
C GLY A 366 34.49 33.99 1.07
N ASP A 367 33.39 34.72 1.22
CA ASP A 367 33.31 35.95 0.42
C ASP A 367 34.31 36.99 0.90
N GLU A 368 34.64 36.96 2.19
CA GLU A 368 35.67 37.84 2.74
C GLU A 368 37.03 37.59 2.07
N LEU A 369 37.23 36.42 1.44
CA LEU A 369 38.49 36.16 0.74
C LEU A 369 38.39 36.41 -0.77
N GLY A 370 37.18 36.68 -1.25
CA GLY A 370 36.96 36.78 -2.69
C GLY A 370 36.89 35.45 -3.42
N MET A 371 36.33 34.42 -2.76
CA MET A 371 36.17 33.11 -3.38
C MET A 371 35.22 33.22 -4.57
N THR A 372 35.48 32.37 -5.57
CA THR A 372 34.76 32.40 -6.84
C THR A 372 33.88 31.17 -7.04
N ASN A 373 33.05 31.22 -8.09
CA ASN A 373 32.32 30.05 -8.58
C ASN A 373 33.33 28.95 -8.94
N TYR A 374 32.89 27.71 -8.97
CA TYR A 374 33.78 26.56 -9.22
C TYR A 374 33.83 26.25 -10.75
N PRO A 375 34.99 25.95 -11.35
CA PRO A 375 34.95 25.55 -12.77
C PRO A 375 34.56 24.07 -12.98
N PHE A 376 33.25 23.79 -12.95
CA PHE A 376 32.75 22.44 -13.19
C PHE A 376 33.12 21.96 -14.58
N LYS A 377 33.48 20.68 -14.67
CA LYS A 377 33.86 20.03 -15.94
C LYS A 377 32.89 18.88 -16.18
N THR A 378 32.85 17.99 -15.18
CA THR A 378 32.12 16.71 -15.18
C THR A 378 30.60 16.77 -14.93
N LEU A 379 30.03 15.59 -14.64
CA LEU A 379 28.65 15.44 -14.21
C LEU A 379 28.62 15.53 -12.68
N GLN A 380 29.47 14.72 -12.03
CA GLN A 380 29.47 14.62 -10.56
C GLN A 380 29.89 15.89 -9.85
N ASP A 381 30.62 16.77 -10.54
CA ASP A 381 30.97 18.08 -9.98
C ASP A 381 29.67 18.79 -9.55
N PHE A 382 28.59 18.53 -10.28
CA PHE A 382 27.31 19.21 -10.06
C PHE A 382 26.41 18.51 -9.05
N ASP A 383 26.84 17.35 -8.55
CA ASP A 383 26.06 16.50 -7.62
C ASP A 383 25.30 17.26 -6.53
N ASP A 384 23.97 17.13 -6.55
CA ASP A 384 23.07 17.94 -5.72
C ASP A 384 21.61 17.56 -6.05
N ILE A 385 20.83 17.27 -5.01
CA ILE A 385 19.42 16.93 -5.17
C ILE A 385 18.66 17.89 -6.09
N GLU A 386 18.91 19.19 -5.97
CA GLU A 386 18.20 20.16 -6.82
C GLU A 386 18.53 20.02 -8.34
N VAL A 387 19.78 19.82 -8.69
CA VAL A 387 20.12 19.59 -10.11
C VAL A 387 19.70 18.19 -10.59
N LYS A 388 19.70 17.18 -9.72
CA LYS A 388 19.13 15.91 -10.16
C LYS A 388 17.61 16.07 -10.40
N GLY A 389 16.99 16.97 -9.65
CA GLY A 389 15.64 17.42 -9.92
C GLY A 389 15.48 18.10 -11.28
N PHE A 390 16.43 18.99 -11.64
CA PHE A 390 16.38 19.65 -12.95
C PHE A 390 16.55 18.63 -14.10
N PHE A 391 17.45 17.67 -13.92
CA PHE A 391 17.57 16.56 -14.85
C PHE A 391 16.28 15.80 -15.14
N GLN A 392 15.56 15.44 -14.07
CA GLN A 392 14.28 14.76 -14.17
C GLN A 392 13.25 15.63 -14.90
N ASP A 393 13.18 16.91 -14.56
CA ASP A 393 12.13 17.75 -15.12
C ASP A 393 12.44 18.37 -16.49
N TYR A 394 13.73 18.49 -16.82
CA TYR A 394 14.04 19.22 -18.06
C TYR A 394 14.81 18.40 -19.11
N VAL A 395 15.63 17.45 -18.64
CA VAL A 395 16.41 16.62 -19.53
C VAL A 395 15.69 15.33 -19.91
N GLU A 396 15.18 14.60 -18.92
CA GLU A 396 14.47 13.33 -19.13
C GLU A 396 13.21 13.57 -19.92
N THR A 397 12.70 14.79 -19.87
CA THR A 397 11.47 15.11 -20.58
C THR A 397 11.70 15.70 -21.97
N GLY A 398 12.96 15.89 -22.32
CA GLY A 398 13.35 16.40 -23.62
C GLY A 398 13.25 17.90 -23.80
N LYS A 399 13.01 18.66 -22.73
CA LYS A 399 12.91 20.12 -22.84
C LYS A 399 14.27 20.76 -23.07
N ALA A 400 15.30 20.12 -22.55
CA ALA A 400 16.65 20.62 -22.78
C ALA A 400 17.59 19.45 -22.76
N THR A 401 18.77 19.67 -23.34
CA THR A 401 19.80 18.63 -23.38
C THR A 401 20.62 18.76 -22.12
N ALA A 402 21.34 17.70 -21.76
CA ALA A 402 22.18 17.73 -20.57
C ALA A 402 23.17 18.90 -20.66
N GLU A 403 23.77 19.09 -21.83
CA GLU A 403 24.81 20.11 -22.00
C GLU A 403 24.26 21.53 -21.87
N GLU A 404 23.00 21.71 -22.27
CA GLU A 404 22.29 22.97 -22.00
C GLU A 404 22.11 23.15 -20.49
N LEU A 405 21.67 22.10 -19.80
CA LEU A 405 21.49 22.18 -18.36
C LEU A 405 22.78 22.57 -17.67
N LEU A 406 23.85 21.85 -18.00
CA LEU A 406 25.13 22.03 -17.33
C LEU A 406 25.79 23.40 -17.61
N THR A 407 25.72 23.90 -18.86
CA THR A 407 26.18 25.25 -19.21
C THR A 407 25.56 26.31 -18.29
N ASN A 408 24.26 26.16 -18.05
CA ASN A 408 23.52 27.09 -17.24
C ASN A 408 23.67 26.86 -15.77
N VAL A 409 23.59 25.60 -15.36
CA VAL A 409 23.81 25.29 -13.98
C VAL A 409 25.25 25.61 -13.46
N ALA A 410 26.24 25.62 -14.35
CA ALA A 410 27.61 26.02 -13.98
C ALA A 410 27.63 27.42 -13.38
N LEU A 411 26.75 28.29 -13.87
CA LEU A 411 26.64 29.66 -13.42
C LEU A 411 25.74 29.84 -12.19
N THR A 412 24.79 28.94 -11.98
CA THR A 412 23.82 29.16 -10.93
C THR A 412 23.82 28.10 -9.83
N SER A 413 24.51 26.98 -10.04
CA SER A 413 24.51 25.87 -9.08
C SER A 413 24.89 26.25 -7.65
N ARG A 414 24.15 25.69 -6.71
CA ARG A 414 24.42 25.78 -5.27
C ARG A 414 25.82 25.26 -4.95
N ASN A 415 26.32 24.35 -5.77
CA ASN A 415 27.59 23.79 -5.44
C ASN A 415 28.70 24.80 -5.56
N ASN A 416 28.46 25.86 -6.31
CA ASN A 416 29.39 26.98 -6.35
C ASN A 416 29.71 27.57 -4.99
N ALA A 417 28.75 27.54 -4.07
CA ALA A 417 28.94 28.16 -2.75
C ALA A 417 29.43 27.16 -1.68
N ARG A 418 29.54 25.89 -2.07
CA ARG A 418 29.74 24.80 -1.09
C ARG A 418 31.10 24.16 -1.20
N THR A 419 31.95 24.70 -2.08
CA THR A 419 33.30 24.13 -2.24
C THR A 419 34.07 24.48 -0.94
N PRO A 420 34.97 23.59 -0.44
CA PRO A 420 35.58 23.92 0.85
C PRO A 420 36.20 25.31 1.00
N PHE A 421 36.03 25.88 2.19
CA PHE A 421 36.63 27.18 2.55
C PHE A 421 38.15 27.04 2.38
N GLN A 422 38.78 28.09 1.86
CA GLN A 422 40.20 28.02 1.47
C GLN A 422 41.05 28.69 2.55
N TRP A 423 41.58 27.85 3.43
CA TRP A 423 42.28 28.31 4.63
C TRP A 423 43.73 28.76 4.36
N ASP A 424 44.41 28.03 3.48
CA ASP A 424 45.78 28.37 3.10
C ASP A 424 46.13 27.69 1.77
N ASP A 425 47.43 27.43 1.54
CA ASP A 425 47.88 26.85 0.28
C ASP A 425 48.41 25.40 0.39
N SER A 426 48.13 24.75 1.52
CA SER A 426 48.46 23.33 1.70
C SER A 426 47.47 22.44 0.97
N ALA A 427 47.64 21.12 1.09
CA ALA A 427 46.77 20.19 0.40
C ALA A 427 45.31 20.53 0.66
N ASN A 428 44.54 20.67 -0.42
CA ASN A 428 43.10 20.91 -0.29
C ASN A 428 42.81 22.15 0.53
N ALA A 429 43.68 23.14 0.30
CA ALA A 429 43.64 24.44 0.94
C ALA A 429 43.54 24.41 2.45
N GLY A 430 43.98 23.31 3.08
CA GLY A 430 43.97 23.25 4.55
C GLY A 430 42.59 23.01 5.14
N PHE A 431 41.63 22.73 4.25
CA PHE A 431 40.29 22.36 4.68
C PHE A 431 40.24 20.99 5.37
N THR A 432 40.99 20.02 4.84
CA THR A 432 40.96 18.64 5.34
C THR A 432 42.31 17.99 5.08
N THR A 433 42.63 16.97 5.89
CA THR A 433 43.81 16.15 5.66
C THR A 433 43.42 14.95 4.80
N GLY A 434 42.12 14.75 4.63
CA GLY A 434 41.61 13.69 3.77
C GLY A 434 41.23 14.15 2.37
N LYS A 435 40.16 13.56 1.88
CA LYS A 435 39.66 13.83 0.56
C LYS A 435 38.31 14.56 0.70
N PRO A 436 38.27 15.84 0.30
CA PRO A 436 37.09 16.66 0.59
C PRO A 436 35.83 16.13 -0.07
N TRP A 437 34.68 16.27 0.61
CA TRP A 437 33.40 15.84 0.07
C TRP A 437 33.05 16.48 -1.28
N LEU A 438 33.38 17.75 -1.47
CA LEU A 438 33.30 18.41 -2.79
C LEU A 438 34.73 18.89 -3.09
N LYS A 439 35.18 18.91 -4.35
CA LYS A 439 36.57 19.35 -4.61
C LYS A 439 36.81 20.81 -4.28
N VAL A 440 38.05 21.10 -3.89
CA VAL A 440 38.47 22.45 -3.61
C VAL A 440 38.69 23.17 -4.94
N ASN A 441 38.33 24.44 -4.99
CA ASN A 441 38.68 25.24 -6.14
C ASN A 441 40.22 25.35 -6.30
N PRO A 442 40.74 25.09 -7.52
CA PRO A 442 42.17 25.20 -7.81
C PRO A 442 42.79 26.56 -7.52
N ASN A 443 42.00 27.62 -7.58
CA ASN A 443 42.50 28.98 -7.34
C ASN A 443 42.81 29.18 -5.85
N TYR A 444 42.75 28.11 -5.06
CA TYR A 444 43.12 28.23 -3.64
C TYR A 444 44.59 28.67 -3.52
N THR A 445 45.41 28.35 -4.52
CA THR A 445 46.82 28.74 -4.44
C THR A 445 46.97 30.27 -4.49
N GLU A 446 46.00 30.99 -5.05
CA GLU A 446 46.02 32.46 -5.02
C GLU A 446 44.99 33.08 -4.04
N ILE A 447 44.00 32.30 -3.61
CA ILE A 447 42.89 32.83 -2.83
C ILE A 447 42.79 31.98 -1.56
N ASN A 448 43.39 32.42 -0.46
CA ASN A 448 43.30 31.69 0.81
C ASN A 448 43.46 32.58 2.04
N ALA A 449 42.87 32.16 3.16
CA ALA A 449 42.88 32.94 4.42
C ALA A 449 44.28 33.37 4.89
N ALA A 450 45.21 32.42 4.93
CA ALA A 450 46.57 32.74 5.40
C ALA A 450 47.17 33.90 4.59
N ARG A 451 47.17 33.81 3.26
CA ARG A 451 47.68 34.91 2.39
C ARG A 451 46.88 36.21 2.56
N GLU A 452 45.56 36.12 2.71
CA GLU A 452 44.72 37.33 2.87
C GLU A 452 45.01 38.11 4.18
N ILE A 453 45.09 37.37 5.28
CA ILE A 453 45.25 37.98 6.59
C ILE A 453 46.60 38.69 6.76
N GLY A 454 47.62 38.25 6.02
CA GLY A 454 48.95 38.83 6.10
C GLY A 454 49.13 40.09 5.25
N ASP A 455 48.09 40.48 4.54
CA ASP A 455 48.26 41.55 3.55
C ASP A 455 47.26 42.65 3.83
N PRO A 456 47.75 43.82 4.26
CA PRO A 456 46.89 44.97 4.49
C PRO A 456 46.10 45.39 3.24
N LYS A 457 46.48 44.94 2.05
CA LYS A 457 45.77 45.35 0.83
C LYS A 457 44.74 44.33 0.32
N SER A 458 44.48 43.28 1.09
CA SER A 458 43.70 42.12 0.62
C SER A 458 42.20 42.40 0.68
N VAL A 459 41.41 41.49 0.10
CA VAL A 459 39.94 41.55 0.22
C VAL A 459 39.54 41.41 1.70
N TYR A 460 40.06 40.37 2.35
CA TYR A 460 39.88 40.20 3.79
C TYR A 460 40.05 41.48 4.62
N SER A 461 41.10 42.23 4.36
CA SER A 461 41.47 43.34 5.21
C SER A 461 40.51 44.46 4.94
N PHE A 462 40.07 44.56 3.68
CA PHE A 462 39.07 45.53 3.32
C PHE A 462 37.76 45.24 4.04
N TYR A 463 37.36 43.96 4.09
CA TYR A 463 36.17 43.56 4.85
C TYR A 463 36.29 43.94 6.35
N ARG A 464 37.43 43.62 6.96
CA ARG A 464 37.67 43.89 8.40
C ARG A 464 37.59 45.39 8.73
N ASN A 465 38.25 46.20 7.90
CA ASN A 465 38.15 47.66 8.01
C ASN A 465 36.71 48.17 7.83
N LEU A 466 35.96 47.62 6.87
CA LEU A 466 34.55 48.03 6.69
C LEU A 466 33.70 47.70 7.91
N ILE A 467 33.90 46.49 8.44
CA ILE A 467 33.15 46.05 9.62
C ILE A 467 33.36 46.99 10.84
N SER A 468 34.62 47.37 11.08
CA SER A 468 34.98 48.39 12.07
C SER A 468 34.26 49.72 11.86
N ILE A 469 34.35 50.23 10.63
CA ILE A 469 33.76 51.52 10.28
C ILE A 469 32.23 51.50 10.46
N ARG A 470 31.61 50.42 10.01
CA ARG A 470 30.20 50.21 10.27
C ARG A 470 29.89 50.17 11.78
N HIS A 471 30.59 49.33 12.56
CA HIS A 471 30.37 49.14 14.00
CA HIS A 471 30.31 49.18 13.98
C HIS A 471 30.42 50.50 14.73
N GLU A 472 31.28 51.40 14.24
CA GLU A 472 31.48 52.75 14.81
C GLU A 472 30.58 53.85 14.26
N THR A 473 29.76 53.55 13.25
CA THR A 473 28.94 54.56 12.57
C THR A 473 27.46 54.16 12.57
N PRO A 474 26.65 54.68 13.54
CA PRO A 474 25.22 54.34 13.63
C PRO A 474 24.46 54.40 12.32
N ALA A 475 24.65 55.48 11.51
CA ALA A 475 23.87 55.72 10.29
C ALA A 475 23.95 54.54 9.32
N LEU A 476 25.11 53.90 9.32
CA LEU A 476 25.45 52.82 8.40
C LEU A 476 24.76 51.49 8.74
N SER A 477 24.21 51.34 9.95
CA SER A 477 23.32 50.18 10.21
C SER A 477 21.85 50.62 10.33
N THR A 478 21.54 51.49 11.30
CA THR A 478 20.13 51.89 11.44
C THR A 478 19.68 53.17 10.75
N GLY A 479 20.58 53.80 9.98
CA GLY A 479 20.18 55.02 9.29
C GLY A 479 19.16 54.78 8.18
N SER A 480 18.46 55.83 7.75
CA SER A 480 17.57 55.70 6.61
C SER A 480 18.38 55.48 5.32
N TYR A 481 17.72 55.04 4.26
CA TYR A 481 18.40 54.78 3.00
C TYR A 481 17.76 55.58 1.90
N ARG A 482 18.57 56.08 1.00
CA ARG A 482 18.03 56.83 -0.12
C ARG A 482 18.95 56.72 -1.31
N ASP A 483 18.36 56.29 -2.42
CA ASP A 483 19.07 56.04 -3.64
C ASP A 483 19.07 57.38 -4.41
N ILE A 484 20.28 57.89 -4.66
CA ILE A 484 20.53 59.15 -5.37
C ILE A 484 19.93 59.10 -6.76
N ASP A 485 20.06 57.95 -7.45
CA ASP A 485 19.62 57.87 -8.84
C ASP A 485 19.32 56.43 -9.31
N PRO A 486 18.08 55.96 -9.08
CA PRO A 486 17.71 54.59 -9.43
C PRO A 486 17.79 54.21 -10.92
N SER A 487 17.83 55.18 -11.82
CA SER A 487 17.95 54.85 -13.23
C SER A 487 19.40 54.76 -13.70
N ASN A 488 20.35 55.14 -12.87
CA ASN A 488 21.77 55.08 -13.26
C ASN A 488 22.33 53.65 -13.27
N ALA A 489 22.85 53.22 -14.42
CA ALA A 489 23.27 51.84 -14.59
C ALA A 489 24.79 51.67 -14.56
N ASP A 490 25.50 52.75 -14.24
CA ASP A 490 26.97 52.73 -14.20
C ASP A 490 27.52 52.78 -12.75
N VAL A 491 27.06 53.78 -12.01
CA VAL A 491 27.56 54.05 -10.67
C VAL A 491 26.43 53.96 -9.64
N TYR A 492 26.65 53.19 -8.58
CA TYR A 492 25.62 52.98 -7.56
C TYR A 492 25.89 53.98 -6.46
N ALA A 493 24.99 54.95 -6.28
CA ALA A 493 25.17 55.97 -5.26
C ALA A 493 23.99 56.02 -4.30
N TYR A 494 24.25 56.14 -3.02
CA TYR A 494 23.18 56.26 -2.03
C TYR A 494 23.69 56.90 -0.77
N THR A 495 22.77 57.40 0.04
CA THR A 495 23.09 57.97 1.32
C THR A 495 22.47 57.16 2.45
N ARG A 496 23.15 57.18 3.59
CA ARG A 496 22.63 56.70 4.85
C ARG A 496 22.63 57.86 5.87
N SER A 497 21.52 58.06 6.61
CA SER A 497 21.41 59.15 7.60
C SER A 497 20.76 58.78 8.92
N GLN A 498 21.31 59.35 9.98
CA GLN A 498 20.74 59.19 11.31
C GLN A 498 21.16 60.36 12.19
N ASP A 499 20.15 60.98 12.83
CA ASP A 499 20.38 62.00 13.83
C ASP A 499 21.18 63.17 13.28
N GLY A 500 20.88 63.60 12.05
CA GLY A 500 21.56 64.75 11.49
C GLY A 500 22.99 64.51 11.01
N GLU A 501 23.42 63.24 10.89
CA GLU A 501 24.69 62.90 10.21
C GLU A 501 24.36 62.19 8.90
N THR A 502 25.10 62.48 7.83
CA THR A 502 24.84 61.81 6.57
C THR A 502 26.10 61.27 5.91
N TYR A 503 26.02 60.00 5.44
CA TYR A 503 27.09 59.30 4.70
C TYR A 503 26.66 58.99 3.26
N LEU A 504 27.65 59.02 2.37
CA LEU A 504 27.42 58.86 0.95
C LEU A 504 28.26 57.67 0.53
N VAL A 505 27.63 56.70 -0.12
CA VAL A 505 28.36 55.54 -0.60
C VAL A 505 28.36 55.61 -2.10
N VAL A 506 29.54 55.58 -2.73
CA VAL A 506 29.59 55.55 -4.19
C VAL A 506 30.39 54.35 -4.69
N VAL A 507 29.81 53.58 -5.62
CA VAL A 507 30.43 52.35 -6.13
C VAL A 507 30.34 52.21 -7.65
N ASN A 508 31.48 52.27 -8.32
CA ASN A 508 31.53 52.14 -9.77
C ASN A 508 31.36 50.66 -10.14
N PHE A 509 30.28 50.31 -10.84
CA PHE A 509 30.10 48.93 -11.30
C PHE A 509 30.73 48.62 -12.67
N LYS A 510 31.32 49.63 -13.31
CA LYS A 510 31.99 49.45 -14.63
C LYS A 510 33.50 49.23 -14.52
N ALA A 511 34.05 48.38 -15.37
CA ALA A 511 35.51 48.20 -15.39
C ALA A 511 36.16 49.28 -16.28
N GLU A 512 35.70 50.52 -16.13
CA GLU A 512 36.16 51.71 -16.86
C GLU A 512 36.03 52.97 -15.97
N PRO A 513 36.82 54.02 -16.26
CA PRO A 513 36.69 55.22 -15.45
C PRO A 513 35.28 55.77 -15.61
N ARG A 514 34.74 56.31 -14.53
CA ARG A 514 33.45 56.98 -14.58
C ARG A 514 33.57 58.18 -13.65
N SER A 515 32.65 59.13 -13.80
CA SER A 515 32.54 60.34 -12.98
C SER A 515 31.26 60.25 -12.15
N PHE A 516 31.24 60.95 -11.02
CA PHE A 516 30.01 61.07 -10.23
C PHE A 516 29.81 62.51 -9.73
N THR A 517 28.64 63.08 -9.98
CA THR A 517 28.32 64.41 -9.48
C THR A 517 27.40 64.29 -8.28
N LEU A 518 27.83 64.81 -7.13
CA LEU A 518 26.99 64.78 -5.93
C LEU A 518 25.71 65.60 -6.12
N PRO A 519 24.65 65.25 -5.37
CA PRO A 519 23.41 66.04 -5.30
C PRO A 519 23.66 67.54 -5.05
N ASP A 520 22.93 68.37 -5.79
CA ASP A 520 23.05 69.82 -5.67
C ASP A 520 23.03 70.21 -4.19
N GLY A 521 24.04 70.94 -3.73
CA GLY A 521 24.08 71.37 -2.33
C GLY A 521 24.79 70.45 -1.34
N MET A 522 25.28 69.31 -1.81
CA MET A 522 25.97 68.33 -0.94
C MET A 522 27.47 68.31 -1.28
N HIS A 523 28.32 68.13 -0.28
CA HIS A 523 29.77 68.21 -0.48
C HIS A 523 30.48 67.22 0.44
N ILE A 524 31.55 66.61 -0.07
CA ILE A 524 32.35 65.69 0.72
C ILE A 524 32.90 66.45 1.90
N ALA A 525 32.78 65.88 3.10
CA ALA A 525 33.41 66.45 4.28
C ALA A 525 34.65 65.63 4.66
N GLU A 526 34.49 64.32 4.81
CA GLU A 526 35.61 63.42 5.14
C GLU A 526 35.49 62.17 4.26
N THR A 527 36.59 61.49 4.02
CA THR A 527 36.54 60.19 3.34
C THR A 527 36.85 59.11 4.37
N LEU A 528 35.90 58.19 4.59
CA LEU A 528 36.08 57.14 5.56
C LEU A 528 36.92 56.01 5.01
N ILE A 529 36.68 55.65 3.75
CA ILE A 529 37.40 54.54 3.10
C ILE A 529 37.10 54.51 1.61
N GLU A 530 38.09 54.11 0.83
CA GLU A 530 37.89 53.76 -0.56
C GLU A 530 38.58 52.42 -0.86
N SER A 531 38.17 51.81 -1.96
CA SER A 531 38.91 50.74 -2.63
C SER A 531 39.16 51.15 -4.07
N SER A 532 40.32 50.74 -4.58
CA SER A 532 40.77 50.99 -5.95
C SER A 532 40.83 52.48 -6.29
N SER A 533 41.10 53.32 -5.29
CA SER A 533 41.27 54.76 -5.53
C SER A 533 42.73 55.20 -5.33
N PRO A 534 43.30 55.94 -6.29
CA PRO A 534 44.66 56.45 -6.02
C PRO A 534 44.68 57.70 -5.13
N ALA A 535 43.56 58.38 -4.96
CA ALA A 535 43.53 59.54 -4.09
C ALA A 535 42.09 59.86 -3.68
N ALA A 536 41.88 60.10 -2.40
CA ALA A 536 40.59 60.49 -1.86
C ALA A 536 40.19 61.89 -2.35
N PRO A 537 38.89 62.16 -2.48
CA PRO A 537 38.51 63.51 -2.91
C PRO A 537 38.98 64.58 -1.91
N ALA A 538 39.02 65.83 -2.36
CA ALA A 538 39.37 66.98 -1.49
C ALA A 538 38.19 67.41 -0.62
N ALA A 539 38.46 67.91 0.59
CA ALA A 539 37.37 68.38 1.46
C ALA A 539 36.54 69.40 0.69
N GLY A 540 35.24 69.16 0.58
CA GLY A 540 34.35 70.11 -0.12
C GLY A 540 34.07 69.76 -1.57
N ALA A 541 34.64 68.66 -2.05
CA ALA A 541 34.38 68.19 -3.41
C ALA A 541 32.88 68.07 -3.72
N ALA A 542 32.49 68.48 -4.93
CA ALA A 542 31.10 68.43 -5.37
C ALA A 542 30.90 67.32 -6.39
N SER A 543 31.98 66.62 -6.70
CA SER A 543 31.93 65.50 -7.61
C SER A 543 33.09 64.56 -7.35
N LEU A 544 33.05 63.42 -8.00
CA LEU A 544 34.07 62.36 -7.82
C LEU A 544 34.58 61.86 -9.16
N GLU A 545 35.89 61.68 -9.26
CA GLU A 545 36.47 61.03 -10.43
C GLU A 545 36.73 59.60 -9.99
N LEU A 546 36.18 58.62 -10.72
CA LEU A 546 36.19 57.23 -10.25
C LEU A 546 36.93 56.28 -11.18
N GLN A 547 37.85 55.52 -10.60
CA GLN A 547 38.53 54.41 -11.28
C GLN A 547 37.60 53.24 -11.53
N PRO A 548 38.03 52.29 -12.40
CA PRO A 548 37.27 51.07 -12.57
C PRO A 548 36.99 50.37 -11.25
N TRP A 549 35.72 50.01 -11.03
CA TRP A 549 35.39 49.25 -9.81
C TRP A 549 35.66 49.94 -8.47
N GLN A 550 35.88 51.26 -8.49
CA GLN A 550 36.15 52.02 -7.26
C GLN A 550 34.96 52.01 -6.31
N SER A 551 35.24 51.86 -5.04
CA SER A 551 34.16 52.07 -4.08
C SER A 551 34.66 53.03 -3.00
N GLY A 552 33.71 53.74 -2.38
CA GLY A 552 34.05 54.58 -1.23
C GLY A 552 32.92 54.93 -0.26
N ILE A 553 33.25 55.15 1.01
CA ILE A 553 32.30 55.73 1.96
C ILE A 553 32.76 57.13 2.39
N TYR A 554 31.86 58.09 2.29
CA TYR A 554 32.15 59.50 2.61
C TYR A 554 31.15 60.05 3.62
N LYS A 555 31.63 60.91 4.54
CA LYS A 555 30.77 61.73 5.38
C LYS A 555 30.54 63.00 4.58
N VAL A 556 29.29 63.45 4.52
CA VAL A 556 28.97 64.62 3.74
C VAL A 556 28.43 65.73 4.62
N LYS A 557 28.47 66.95 4.08
CA LYS A 557 27.89 68.11 4.73
C LYS A 557 27.03 68.83 3.70
N ALA B 4 -34.72 -46.07 13.48
CA ALA B 4 -33.97 -45.55 12.30
C ALA B 4 -34.59 -44.27 11.70
N PRO B 5 -33.91 -43.12 11.86
CA PRO B 5 -34.51 -41.82 11.48
C PRO B 5 -34.79 -41.77 10.00
N TRP B 6 -35.71 -40.90 9.59
CA TRP B 6 -36.07 -40.74 8.19
C TRP B 6 -34.86 -40.55 7.27
N TRP B 7 -33.85 -39.83 7.74
CA TRP B 7 -32.75 -39.45 6.85
C TRP B 7 -31.90 -40.62 6.41
N LYS B 8 -31.90 -41.69 7.20
CA LYS B 8 -31.11 -42.85 6.87
C LYS B 8 -31.62 -43.61 5.67
N SER B 9 -32.94 -43.58 5.49
N SER B 9 -32.94 -43.60 5.47
CA SER B 9 -33.59 -44.29 4.39
CA SER B 9 -33.47 -44.33 4.31
C SER B 9 -33.90 -43.40 3.19
C SER B 9 -33.80 -43.42 3.14
N ALA B 10 -33.52 -42.13 3.29
CA ALA B 10 -33.83 -41.12 2.27
C ALA B 10 -32.87 -41.07 1.08
N VAL B 11 -33.36 -40.68 -0.10
CA VAL B 11 -32.48 -40.44 -1.24
C VAL B 11 -32.51 -38.94 -1.53
N PHE B 12 -31.35 -38.30 -1.46
CA PHE B 12 -31.25 -36.86 -1.69
C PHE B 12 -30.83 -36.46 -3.10
N TYR B 13 -31.20 -35.24 -3.50
CA TYR B 13 -30.80 -34.78 -4.82
C TYR B 13 -30.19 -33.42 -4.61
N GLN B 14 -28.99 -33.22 -5.14
CA GLN B 14 -28.32 -31.94 -4.97
C GLN B 14 -28.62 -30.98 -6.14
N VAL B 15 -29.17 -29.81 -5.83
CA VAL B 15 -29.51 -28.84 -6.86
C VAL B 15 -28.53 -27.68 -6.71
N TYR B 16 -27.80 -27.32 -7.76
CA TYR B 16 -26.95 -26.12 -7.73
C TYR B 16 -27.81 -25.10 -8.44
N PRO B 17 -28.47 -24.20 -7.70
CA PRO B 17 -29.54 -23.44 -8.38
C PRO B 17 -29.08 -22.53 -9.54
N ARG B 18 -27.85 -22.04 -9.46
CA ARG B 18 -27.30 -21.20 -10.49
C ARG B 18 -27.36 -21.95 -11.84
N SER B 19 -27.27 -23.28 -11.82
CA SER B 19 -27.24 -23.96 -13.08
C SER B 19 -28.37 -24.95 -13.27
N PHE B 20 -29.49 -24.75 -12.59
CA PHE B 20 -30.63 -25.70 -12.67
C PHE B 20 -31.71 -25.28 -13.67
N LYS B 21 -32.41 -24.17 -13.40
CA LYS B 21 -33.42 -23.64 -14.33
C LYS B 21 -33.60 -22.14 -14.17
N ASP B 22 -33.35 -21.43 -15.27
CA ASP B 22 -33.52 -20.00 -15.38
C ASP B 22 -34.94 -19.75 -15.89
N THR B 23 -35.62 -18.77 -15.30
CA THR B 23 -36.99 -18.44 -15.69
C THR B 23 -37.11 -16.97 -16.13
N ASN B 24 -36.01 -16.24 -16.24
CA ASN B 24 -36.17 -14.86 -16.64
C ASN B 24 -35.12 -14.34 -17.61
N GLY B 25 -34.56 -15.26 -18.40
CA GLY B 25 -33.53 -14.95 -19.41
C GLY B 25 -32.18 -14.30 -19.08
N ASP B 26 -31.86 -14.07 -17.81
CA ASP B 26 -30.55 -13.56 -17.43
C ASP B 26 -29.44 -14.62 -17.56
N GLY B 27 -29.82 -15.87 -17.79
CA GLY B 27 -28.84 -16.95 -17.94
C GLY B 27 -28.36 -17.59 -16.64
N ILE B 28 -29.04 -17.29 -15.54
CA ILE B 28 -28.68 -17.86 -14.20
C ILE B 28 -29.94 -18.55 -13.68
N GLY B 29 -29.81 -19.79 -13.20
CA GLY B 29 -30.96 -20.50 -12.67
C GLY B 29 -31.48 -19.78 -11.44
N ASP B 30 -32.73 -20.00 -11.10
CA ASP B 30 -33.33 -19.19 -10.06
C ASP B 30 -34.32 -20.03 -9.28
N PHE B 31 -34.88 -19.48 -8.19
CA PHE B 31 -35.78 -20.25 -7.32
C PHE B 31 -37.03 -20.65 -8.09
N LYS B 32 -37.57 -19.72 -8.88
CA LYS B 32 -38.79 -20.04 -9.68
C LYS B 32 -38.55 -21.20 -10.63
N GLY B 33 -37.32 -21.27 -11.16
CA GLY B 33 -36.97 -22.40 -11.99
C GLY B 33 -36.99 -23.75 -11.27
N LEU B 34 -36.47 -23.79 -10.03
CA LEU B 34 -36.49 -25.02 -9.22
C LEU B 34 -37.92 -25.43 -8.84
N THR B 35 -38.74 -24.45 -8.50
CA THR B 35 -40.13 -24.67 -8.12
C THR B 35 -40.92 -25.31 -9.26
N GLU B 36 -40.71 -24.78 -10.47
CA GLU B 36 -41.28 -25.35 -11.69
C GLU B 36 -40.94 -26.81 -11.93
N LYS B 37 -39.79 -27.26 -11.42
CA LYS B 37 -39.30 -28.58 -11.69
C LYS B 37 -39.51 -29.56 -10.55
N LEU B 38 -40.31 -29.20 -9.54
CA LEU B 38 -40.48 -30.11 -8.40
C LEU B 38 -41.14 -31.44 -8.79
N ASP B 39 -42.06 -31.35 -9.75
CA ASP B 39 -42.74 -32.52 -10.23
C ASP B 39 -41.77 -33.44 -10.94
N TYR B 40 -40.85 -32.84 -11.71
CA TYR B 40 -39.80 -33.63 -12.35
C TYR B 40 -39.09 -34.45 -11.26
N LEU B 41 -38.65 -33.76 -10.19
CA LEU B 41 -37.88 -34.38 -9.13
C LEU B 41 -38.73 -35.36 -8.36
N LYS B 42 -39.96 -34.97 -8.02
CA LYS B 42 -40.88 -35.92 -7.36
C LYS B 42 -41.00 -37.20 -8.24
N GLY B 43 -41.13 -37.01 -9.55
CA GLY B 43 -41.30 -38.14 -10.49
C GLY B 43 -40.15 -39.12 -10.52
N LEU B 44 -38.94 -38.60 -10.34
CA LEU B 44 -37.74 -39.42 -10.22
C LEU B 44 -37.78 -40.29 -8.96
N GLY B 45 -38.47 -39.84 -7.93
CA GLY B 45 -38.48 -40.53 -6.64
C GLY B 45 -37.74 -39.82 -5.51
N ILE B 46 -37.43 -38.54 -5.72
CA ILE B 46 -36.54 -37.82 -4.80
C ILE B 46 -37.34 -37.41 -3.56
N ASP B 47 -36.80 -37.73 -2.37
CA ASP B 47 -37.35 -37.42 -1.04
C ASP B 47 -37.01 -36.04 -0.54
N ALA B 48 -35.84 -35.60 -0.95
CA ALA B 48 -35.20 -34.50 -0.29
C ALA B 48 -34.20 -33.85 -1.20
N ILE B 49 -34.10 -32.54 -1.12
CA ILE B 49 -33.21 -31.76 -1.96
C ILE B 49 -32.22 -30.95 -1.12
N TRP B 50 -30.95 -31.00 -1.49
CA TRP B 50 -29.98 -30.07 -0.90
C TRP B 50 -29.67 -29.00 -1.96
N ILE B 51 -29.91 -27.72 -1.67
CA ILE B 51 -29.52 -26.62 -2.57
C ILE B 51 -28.24 -25.99 -2.06
N ASN B 52 -27.38 -25.63 -2.98
CA ASN B 52 -26.19 -24.88 -2.65
C ASN B 52 -26.58 -23.45 -2.17
N PRO B 53 -25.62 -22.72 -1.57
CA PRO B 53 -26.00 -21.47 -0.90
C PRO B 53 -26.93 -20.59 -1.71
N HIS B 54 -27.92 -20.03 -1.02
CA HIS B 54 -28.99 -19.27 -1.64
C HIS B 54 -29.17 -17.88 -1.04
N TYR B 55 -28.14 -17.40 -0.31
CA TYR B 55 -28.15 -16.10 0.44
C TYR B 55 -27.47 -15.00 -0.35
N ALA B 56 -27.78 -13.76 0.02
CA ALA B 56 -27.14 -12.56 -0.57
C ALA B 56 -25.64 -12.77 -0.70
N SER B 57 -25.11 -12.53 -1.89
CA SER B 57 -23.71 -12.86 -2.15
C SER B 57 -23.19 -12.00 -3.31
N PRO B 58 -21.95 -11.50 -3.23
CA PRO B 58 -21.33 -10.88 -4.40
C PRO B 58 -20.91 -11.90 -5.45
N ASN B 59 -21.02 -13.20 -5.14
CA ASN B 59 -20.69 -14.24 -6.11
C ASN B 59 -19.24 -14.35 -6.62
N THR B 60 -18.28 -13.97 -5.77
CA THR B 60 -16.88 -14.31 -6.06
C THR B 60 -16.65 -15.85 -5.95
N ASP B 61 -17.54 -16.50 -5.21
CA ASP B 61 -17.49 -17.95 -5.07
C ASP B 61 -18.91 -18.55 -5.19
N ASN B 62 -19.70 -17.96 -6.09
CA ASN B 62 -21.03 -18.47 -6.45
C ASN B 62 -21.83 -18.92 -5.24
N GLY B 63 -21.98 -18.02 -4.26
CA GLY B 63 -22.83 -18.25 -3.07
C GLY B 63 -22.12 -18.60 -1.76
N TYR B 64 -20.89 -19.05 -1.86
CA TYR B 64 -20.10 -19.31 -0.66
C TYR B 64 -19.40 -18.09 -0.06
N ASP B 65 -19.62 -16.91 -0.63
CA ASP B 65 -19.16 -15.69 0.01
C ASP B 65 -20.42 -14.90 0.37
N ILE B 66 -20.89 -15.02 1.60
CA ILE B 66 -22.27 -14.52 1.90
C ILE B 66 -22.23 -13.13 2.49
N SER B 67 -23.00 -12.19 1.93
CA SER B 67 -22.99 -10.82 2.46
C SER B 67 -24.08 -10.52 3.49
N ASP B 68 -25.07 -11.42 3.63
CA ASP B 68 -26.14 -11.24 4.60
C ASP B 68 -26.80 -12.63 4.69
N TYR B 69 -26.76 -13.27 5.86
CA TYR B 69 -27.28 -14.64 6.04
C TYR B 69 -28.80 -14.69 6.14
N ARG B 70 -29.42 -13.51 6.21
CA ARG B 70 -30.87 -13.46 6.32
C ARG B 70 -31.65 -12.99 5.08
N GLU B 71 -30.98 -12.82 3.96
CA GLU B 71 -31.64 -12.41 2.71
C GLU B 71 -31.29 -13.42 1.63
N VAL B 72 -32.17 -13.59 0.65
CA VAL B 72 -31.87 -14.56 -0.41
C VAL B 72 -30.99 -13.90 -1.44
N MET B 73 -30.29 -14.70 -2.24
CA MET B 73 -29.44 -14.15 -3.30
C MET B 73 -30.35 -13.48 -4.30
N LYS B 74 -30.05 -12.26 -4.72
CA LYS B 74 -30.94 -11.51 -5.63
C LYS B 74 -31.10 -12.24 -6.98
N GLU B 75 -30.07 -12.99 -7.41
CA GLU B 75 -30.17 -13.77 -8.65
C GLU B 75 -31.17 -14.93 -8.54
N TYR B 76 -31.38 -15.47 -7.34
CA TYR B 76 -32.31 -16.60 -7.21
C TYR B 76 -33.77 -16.15 -7.06
N GLY B 77 -33.97 -14.93 -6.54
CA GLY B 77 -35.30 -14.34 -6.38
C GLY B 77 -35.49 -13.55 -5.10
N THR B 78 -36.67 -13.64 -4.50
CA THR B 78 -36.99 -12.92 -3.25
C THR B 78 -37.28 -13.91 -2.12
N MET B 79 -37.44 -13.40 -0.89
CA MET B 79 -37.74 -14.26 0.26
C MET B 79 -39.09 -14.99 0.02
N GLU B 80 -39.94 -14.32 -0.73
CA GLU B 80 -41.25 -14.86 -1.13
C GLU B 80 -41.12 -16.01 -2.12
N ASP B 81 -40.14 -15.93 -3.02
CA ASP B 81 -39.89 -17.07 -3.90
C ASP B 81 -39.40 -18.25 -3.05
N PHE B 82 -38.61 -17.96 -2.01
CA PHE B 82 -38.03 -19.01 -1.18
C PHE B 82 -39.14 -19.71 -0.39
N ASP B 83 -40.03 -18.91 0.21
CA ASP B 83 -41.21 -19.42 0.94
C ASP B 83 -42.13 -20.27 0.09
N ARG B 84 -42.36 -19.81 -1.14
CA ARG B 84 -43.11 -20.55 -2.14
C ARG B 84 -42.43 -21.89 -2.46
N LEU B 85 -41.10 -21.87 -2.62
CA LEU B 85 -40.34 -23.12 -2.84
C LEU B 85 -40.60 -24.09 -1.68
N MET B 86 -40.43 -23.59 -0.46
CA MET B 86 -40.74 -24.33 0.74
C MET B 86 -42.18 -24.83 0.74
N ALA B 87 -43.14 -23.97 0.44
CA ALA B 87 -44.57 -24.40 0.43
C ALA B 87 -44.83 -25.51 -0.60
N GLU B 88 -44.27 -25.36 -1.80
CA GLU B 88 -44.46 -26.35 -2.86
C GLU B 88 -43.77 -27.67 -2.56
N LEU B 89 -42.63 -27.64 -1.85
CA LEU B 89 -41.96 -28.89 -1.50
C LEU B 89 -42.88 -29.68 -0.58
N LYS B 90 -43.42 -28.99 0.42
CA LYS B 90 -44.23 -29.57 1.48
C LYS B 90 -45.51 -30.24 0.91
N LYS B 91 -46.14 -29.59 -0.07
CA LYS B 91 -47.31 -30.13 -0.78
C LYS B 91 -46.99 -31.48 -1.43
N ARG B 92 -45.72 -31.70 -1.76
CA ARG B 92 -45.32 -32.94 -2.38
C ARG B 92 -44.68 -33.90 -1.38
N GLY B 93 -44.77 -33.56 -0.10
CA GLY B 93 -44.13 -34.33 0.98
C GLY B 93 -42.62 -34.40 0.81
N MET B 94 -42.02 -33.34 0.30
CA MET B 94 -40.58 -33.34 0.11
CA MET B 94 -40.58 -33.27 0.05
C MET B 94 -39.91 -32.42 1.12
N ARG B 95 -38.62 -32.65 1.40
CA ARG B 95 -37.86 -31.90 2.43
C ARG B 95 -36.67 -31.07 1.86
N LEU B 96 -36.39 -29.89 2.43
CA LEU B 96 -35.27 -29.05 1.99
C LEU B 96 -34.08 -29.11 2.98
N MET B 97 -32.90 -29.34 2.46
CA MET B 97 -31.67 -29.14 3.22
C MET B 97 -30.97 -27.92 2.62
N VAL B 98 -30.63 -26.93 3.44
CA VAL B 98 -29.90 -25.77 2.93
C VAL B 98 -28.40 -25.89 3.25
N ASP B 99 -27.60 -25.08 2.58
CA ASP B 99 -26.14 -25.09 2.78
C ASP B 99 -25.86 -24.03 3.85
N VAL B 100 -24.99 -24.37 4.80
CA VAL B 100 -24.63 -23.40 5.80
C VAL B 100 -23.14 -23.12 5.68
N VAL B 101 -22.81 -21.86 5.40
CA VAL B 101 -21.41 -21.46 5.14
C VAL B 101 -20.96 -20.50 6.24
N ILE B 102 -20.46 -21.06 7.34
CA ILE B 102 -20.15 -20.23 8.53
C ILE B 102 -18.71 -20.42 9.01
N ASN B 103 -17.85 -20.85 8.13
CA ASN B 103 -16.41 -20.79 8.40
C ASN B 103 -15.93 -19.41 8.03
N HIS B 104 -16.67 -18.74 7.15
CA HIS B 104 -16.20 -17.45 6.61
C HIS B 104 -17.40 -16.71 6.07
N SER B 105 -17.28 -15.42 5.79
CA SER B 105 -18.42 -14.73 5.19
C SER B 105 -17.82 -13.93 4.05
N SER B 106 -18.62 -13.17 3.33
CA SER B 106 -18.12 -12.22 2.34
C SER B 106 -17.43 -11.04 3.02
N ASP B 107 -16.52 -10.38 2.32
CA ASP B 107 -15.94 -9.15 2.88
C ASP B 107 -16.94 -7.96 2.74
N GLN B 108 -18.06 -8.22 2.09
CA GLN B 108 -19.13 -7.25 1.94
C GLN B 108 -20.18 -7.44 3.05
N HIS B 109 -20.01 -8.45 3.91
CA HIS B 109 -20.89 -8.59 5.07
C HIS B 109 -20.74 -7.36 5.98
N GLU B 110 -21.84 -6.91 6.60
CA GLU B 110 -21.76 -5.74 7.48
C GLU B 110 -20.87 -5.95 8.70
N TRP B 111 -20.79 -7.18 9.21
CA TRP B 111 -19.85 -7.49 10.31
C TRP B 111 -18.41 -7.20 9.90
N PHE B 112 -18.05 -7.49 8.65
CA PHE B 112 -16.68 -7.23 8.18
C PHE B 112 -16.43 -5.74 7.89
N LYS B 113 -17.40 -5.05 7.30
CA LYS B 113 -17.23 -3.62 7.07
C LYS B 113 -17.02 -2.88 8.40
N SER B 114 -17.78 -3.28 9.43
CA SER B 114 -17.58 -2.77 10.78
C SER B 114 -16.23 -3.22 11.29
N SER B 115 -15.97 -4.54 11.24
CA SER B 115 -14.79 -5.14 11.86
C SER B 115 -13.47 -4.49 11.39
N ARG B 116 -13.39 -4.18 10.10
CA ARG B 116 -12.17 -3.67 9.47
C ARG B 116 -11.92 -2.15 9.66
N ALA B 117 -12.96 -1.43 10.07
CA ALA B 117 -12.93 0.04 10.16
C ALA B 117 -11.92 0.58 11.20
N SER B 118 -11.72 -0.14 12.29
CA SER B 118 -10.83 0.34 13.36
C SER B 118 -10.32 -0.85 14.16
N LYS B 119 -9.34 -0.63 15.02
CA LYS B 119 -8.91 -1.69 15.90
C LYS B 119 -9.84 -1.87 17.09
N ASP B 120 -10.71 -0.89 17.33
CA ASP B 120 -11.48 -0.88 18.58
C ASP B 120 -12.98 -0.78 18.40
N ASN B 121 -13.58 -1.65 17.62
CA ASN B 121 -15.03 -1.65 17.51
C ASN B 121 -15.54 -2.99 17.98
N PRO B 122 -16.83 -3.08 18.32
CA PRO B 122 -17.48 -4.30 18.81
C PRO B 122 -17.37 -5.50 17.84
N TYR B 123 -17.11 -5.26 16.56
CA TYR B 123 -16.98 -6.35 15.58
C TYR B 123 -15.55 -6.79 15.27
N ARG B 124 -14.58 -6.23 15.96
CA ARG B 124 -13.19 -6.45 15.54
C ARG B 124 -12.90 -7.94 15.61
N ASP B 125 -13.34 -8.57 16.70
CA ASP B 125 -13.06 -9.99 16.96
C ASP B 125 -14.11 -10.95 16.40
N TYR B 126 -14.93 -10.46 15.46
CA TYR B 126 -15.78 -11.35 14.65
C TYR B 126 -14.92 -12.05 13.59
N TYR B 127 -13.70 -11.55 13.42
CA TYR B 127 -12.74 -12.04 12.42
C TYR B 127 -11.39 -12.23 13.13
N PHE B 128 -10.38 -12.67 12.38
CA PHE B 128 -9.02 -12.74 12.89
C PHE B 128 -8.14 -11.67 12.30
N TRP B 129 -7.73 -10.74 13.17
CA TRP B 129 -6.83 -9.65 12.77
C TRP B 129 -5.52 -9.82 13.51
N ARG B 130 -4.39 -9.74 12.80
CA ARG B 130 -3.09 -9.99 13.44
C ARG B 130 -1.97 -9.10 12.89
N ASP B 131 -0.98 -8.81 13.72
CA ASP B 131 0.21 -8.09 13.24
C ASP B 131 1.02 -8.94 12.29
N GLY B 132 1.61 -8.32 11.28
CA GLY B 132 2.66 -8.97 10.48
C GLY B 132 3.86 -9.38 11.33
N LYS B 133 4.68 -10.29 10.83
CA LYS B 133 5.94 -10.67 11.50
C LYS B 133 7.09 -10.52 10.52
N ASP B 134 8.18 -9.88 10.95
CA ASP B 134 9.39 -9.68 10.12
C ASP B 134 9.12 -9.01 8.76
N GLY B 135 8.37 -7.92 8.78
CA GLY B 135 8.00 -7.25 7.54
C GLY B 135 7.02 -8.03 6.68
N HIS B 136 6.71 -9.27 7.07
CA HIS B 136 5.83 -10.15 6.28
C HIS B 136 4.48 -10.50 6.96
N GLU B 137 3.79 -11.51 6.44
CA GLU B 137 2.46 -11.94 6.94
C GLU B 137 2.62 -12.50 8.34
N PRO B 138 1.51 -12.62 9.11
CA PRO B 138 1.63 -13.06 10.49
C PRO B 138 2.20 -14.46 10.59
N ASN B 139 1.96 -15.31 9.58
CA ASN B 139 2.63 -16.63 9.50
C ASN B 139 2.62 -17.15 8.06
N ASN B 140 3.02 -18.41 7.88
CA ASN B 140 3.19 -18.98 6.53
C ASN B 140 1.97 -19.72 5.95
N TYR B 141 0.80 -19.57 6.59
CA TYR B 141 -0.44 -20.24 6.14
C TYR B 141 -0.75 -19.93 4.69
N PRO B 142 -0.99 -20.95 3.83
CA PRO B 142 -1.50 -20.62 2.50
C PRO B 142 -3.04 -20.68 2.40
N SER B 143 -3.56 -19.98 1.40
CA SER B 143 -4.98 -20.02 1.04
C SER B 143 -5.24 -21.08 -0.04
N PHE B 144 -6.34 -21.85 0.12
CA PHE B 144 -6.90 -22.72 -0.93
C PHE B 144 -7.05 -22.05 -2.30
N PHE B 145 -7.33 -20.74 -2.30
CA PHE B 145 -7.63 -20.00 -3.53
C PHE B 145 -6.52 -19.05 -4.00
N GLY B 146 -5.30 -19.34 -3.58
CA GLY B 146 -4.08 -18.66 -4.08
C GLY B 146 -3.35 -17.80 -3.04
N GLY B 147 -2.03 -17.79 -3.10
CA GLY B 147 -1.24 -16.99 -2.19
C GLY B 147 -1.44 -17.26 -0.71
N SER B 148 -1.11 -16.23 0.05
CA SER B 148 -1.19 -16.27 1.52
C SER B 148 -2.65 -16.22 2.01
N ALA B 149 -2.92 -16.94 3.10
CA ALA B 149 -4.18 -16.81 3.77
C ALA B 149 -4.30 -15.51 4.60
N TRP B 150 -3.25 -14.68 4.62
CA TRP B 150 -3.36 -13.38 5.32
C TRP B 150 -3.37 -12.22 4.32
N GLU B 151 -4.35 -11.32 4.46
CA GLU B 151 -4.47 -10.11 3.63
C GLU B 151 -4.37 -8.80 4.44
N LYS B 152 -3.40 -7.94 4.11
CA LYS B 152 -3.17 -6.69 4.86
C LYS B 152 -4.21 -5.61 4.54
N ASP B 153 -4.69 -4.92 5.57
CA ASP B 153 -5.65 -3.84 5.41
C ASP B 153 -4.99 -2.55 5.88
N PRO B 154 -4.73 -1.64 4.93
CA PRO B 154 -4.07 -0.36 5.18
C PRO B 154 -4.79 0.46 6.26
N VAL B 155 -6.11 0.29 6.39
CA VAL B 155 -6.88 1.01 7.42
C VAL B 155 -6.32 0.82 8.80
N THR B 156 -5.96 -0.41 9.14
CA THR B 156 -5.36 -0.67 10.47
C THR B 156 -3.91 -1.07 10.43
N GLY B 157 -3.39 -1.46 9.27
CA GLY B 157 -2.02 -2.01 9.23
C GLY B 157 -1.95 -3.49 9.62
N GLN B 158 -3.11 -4.07 9.89
CA GLN B 158 -3.11 -5.50 10.22
C GLN B 158 -3.65 -6.41 9.09
N TYR B 159 -3.39 -7.70 9.24
CA TYR B 159 -3.80 -8.73 8.26
C TYR B 159 -4.99 -9.50 8.81
N TYR B 160 -5.97 -9.77 7.97
CA TYR B 160 -7.07 -10.63 8.36
C TYR B 160 -6.88 -12.04 7.77
N LEU B 161 -7.37 -13.06 8.46
CA LEU B 161 -7.30 -14.45 7.95
C LEU B 161 -8.38 -14.81 6.92
N HIS B 162 -7.95 -15.50 5.86
CA HIS B 162 -8.87 -16.13 4.92
C HIS B 162 -8.33 -17.44 4.41
N TYR B 163 -8.89 -18.56 4.87
CA TYR B 163 -8.47 -19.87 4.33
C TYR B 163 -8.84 -19.95 2.82
N PHE B 164 -9.98 -19.40 2.46
CA PHE B 164 -10.36 -19.40 1.06
C PHE B 164 -10.06 -18.10 0.37
N GLY B 165 -11.03 -17.54 -0.35
CA GLY B 165 -10.80 -16.35 -1.14
C GLY B 165 -10.41 -15.14 -0.31
N ARG B 166 -9.68 -14.20 -0.90
CA ARG B 166 -9.36 -12.93 -0.24
C ARG B 166 -10.64 -12.22 0.20
N GLN B 167 -11.72 -12.40 -0.55
CA GLN B 167 -13.03 -11.81 -0.22
C GLN B 167 -13.92 -12.76 0.59
N GLN B 168 -13.26 -13.68 1.28
CA GLN B 168 -13.92 -14.63 2.17
C GLN B 168 -13.17 -14.72 3.52
N PRO B 169 -13.24 -13.62 4.30
CA PRO B 169 -12.66 -13.54 5.65
C PRO B 169 -13.22 -14.59 6.62
N ASP B 170 -12.34 -15.36 7.26
CA ASP B 170 -12.75 -16.40 8.19
C ASP B 170 -13.39 -15.85 9.48
N LEU B 171 -14.55 -16.38 9.84
CA LEU B 171 -15.23 -15.96 11.08
C LEU B 171 -14.51 -16.48 12.31
N ASN B 172 -14.59 -15.71 13.40
CA ASN B 172 -13.89 -16.07 14.65
C ASN B 172 -14.80 -16.76 15.68
N TRP B 173 -14.78 -18.11 15.67
CA TRP B 173 -15.56 -18.93 16.58
C TRP B 173 -15.12 -18.85 18.05
N ASP B 174 -13.88 -18.39 18.29
CA ASP B 174 -13.43 -18.04 19.64
C ASP B 174 -14.18 -16.90 20.38
N THR B 175 -15.00 -16.15 19.65
CA THR B 175 -15.72 -15.00 20.21
C THR B 175 -17.18 -15.37 20.49
N PRO B 176 -17.57 -15.48 21.79
CA PRO B 176 -18.93 -15.95 22.13
C PRO B 176 -20.04 -15.18 21.46
N LYS B 177 -19.95 -13.86 21.40
CA LYS B 177 -20.97 -13.06 20.73
C LYS B 177 -21.14 -13.50 19.29
N LEU B 178 -20.07 -13.92 18.64
CA LEU B 178 -20.15 -14.33 17.24
C LEU B 178 -20.84 -15.70 17.14
N ARG B 179 -20.43 -16.66 17.98
CA ARG B 179 -21.18 -17.91 18.08
C ARG B 179 -22.68 -17.66 18.32
N GLU B 180 -23.06 -16.73 19.20
CA GLU B 180 -24.49 -16.46 19.42
C GLU B 180 -25.19 -15.90 18.18
N GLU B 181 -24.51 -15.05 17.43
CA GLU B 181 -25.09 -14.57 16.19
C GLU B 181 -25.29 -15.71 15.21
N LEU B 182 -24.29 -16.56 15.08
CA LEU B 182 -24.44 -17.70 14.18
C LEU B 182 -25.65 -18.61 14.56
N TYR B 183 -25.88 -18.81 15.86
CA TYR B 183 -26.99 -19.65 16.32
C TYR B 183 -28.34 -18.97 16.08
N ALA B 184 -28.41 -17.65 16.26
CA ALA B 184 -29.63 -16.91 15.98
C ALA B 184 -29.93 -17.07 14.50
N MET B 185 -28.90 -16.96 13.67
CA MET B 185 -29.09 -17.12 12.25
C MET B 185 -29.60 -18.54 11.86
N LEU B 186 -28.99 -19.61 12.38
CA LEU B 186 -29.54 -20.93 12.11
C LEU B 186 -31.04 -21.06 12.55
N ARG B 187 -31.42 -20.49 13.70
CA ARG B 187 -32.81 -20.63 14.16
C ARG B 187 -33.81 -19.94 13.20
N PHE B 188 -33.38 -18.81 12.66
CA PHE B 188 -34.18 -18.05 11.69
C PHE B 188 -34.52 -18.90 10.49
N TRP B 189 -33.56 -19.67 9.98
CA TRP B 189 -33.86 -20.56 8.85
C TRP B 189 -34.68 -21.80 9.28
N LEU B 190 -34.33 -22.34 10.45
CA LEU B 190 -35.01 -23.54 10.96
C LEU B 190 -36.45 -23.24 11.35
N ASP B 191 -36.66 -22.05 11.94
CA ASP B 191 -38.00 -21.54 12.25
C ASP B 191 -38.91 -21.52 11.02
N LYS B 192 -38.31 -21.41 9.84
CA LYS B 192 -39.04 -21.37 8.60
C LYS B 192 -39.37 -22.77 8.09
N GLY B 193 -38.86 -23.79 8.78
CA GLY B 193 -39.22 -25.14 8.43
C GLY B 193 -38.19 -25.96 7.68
N VAL B 194 -36.95 -25.48 7.48
CA VAL B 194 -35.98 -26.28 6.72
C VAL B 194 -35.78 -27.62 7.44
N SER B 195 -35.57 -28.68 6.66
CA SER B 195 -35.50 -30.04 7.22
C SER B 195 -34.07 -30.53 7.41
N GLY B 196 -33.10 -29.82 6.83
CA GLY B 196 -31.71 -30.20 6.87
C GLY B 196 -30.77 -29.03 6.70
N MET B 197 -29.54 -29.19 7.20
CA MET B 197 -28.44 -28.23 7.05
C MET B 197 -27.15 -28.99 6.79
N ARG B 198 -26.44 -28.56 5.74
CA ARG B 198 -25.16 -29.16 5.37
C ARG B 198 -24.16 -28.09 5.71
N PHE B 199 -23.15 -28.44 6.49
CA PHE B 199 -22.17 -27.47 6.98
C PHE B 199 -20.90 -27.48 6.15
N ALA B 200 -20.77 -26.43 5.34
CA ALA B 200 -19.60 -26.28 4.47
C ALA B 200 -18.32 -26.15 5.27
N THR B 201 -17.31 -26.88 4.82
CA THR B 201 -15.99 -26.99 5.49
C THR B 201 -16.13 -26.91 7.02
N VAL B 202 -16.91 -27.84 7.58
CA VAL B 202 -17.22 -27.82 9.02
C VAL B 202 -16.01 -27.99 9.94
N ALA B 203 -14.96 -28.66 9.45
CA ALA B 203 -13.84 -29.03 10.27
C ALA B 203 -12.77 -27.98 10.45
N THR B 204 -12.93 -26.83 9.80
CA THR B 204 -11.96 -25.71 9.89
C THR B 204 -12.41 -24.54 10.82
N TYR B 205 -13.60 -24.65 11.43
CA TYR B 205 -14.06 -23.65 12.40
C TYR B 205 -13.06 -23.26 13.49
N SER B 206 -12.46 -24.23 14.19
CA SER B 206 -11.51 -23.87 15.24
C SER B 206 -10.12 -23.54 14.68
N LYS B 207 -9.59 -22.39 15.06
CA LYS B 207 -8.25 -21.94 14.66
C LYS B 207 -7.29 -22.26 15.79
N THR B 208 -6.03 -22.50 15.45
CA THR B 208 -5.01 -22.80 16.45
C THR B 208 -4.56 -21.50 17.13
N PRO B 209 -4.67 -21.44 18.48
CA PRO B 209 -4.32 -20.25 19.26
C PRO B 209 -2.86 -19.82 19.02
N GLY B 210 -2.66 -18.53 18.77
CA GLY B 210 -1.30 -18.04 18.57
C GLY B 210 -0.78 -18.25 17.17
N PHE B 211 -1.52 -19.01 16.36
CA PHE B 211 -1.23 -19.09 14.93
C PHE B 211 0.27 -19.33 14.63
N PRO B 212 0.89 -20.35 15.26
CA PRO B 212 2.31 -20.57 14.90
C PRO B 212 2.40 -21.02 13.44
N ASP B 213 3.58 -20.90 12.84
CA ASP B 213 3.80 -21.35 11.47
C ASP B 213 3.50 -22.84 11.34
N LEU B 214 3.22 -23.25 10.12
CA LEU B 214 3.12 -24.66 9.84
C LEU B 214 4.56 -25.15 9.64
N THR B 215 4.84 -26.35 10.13
CA THR B 215 6.11 -27.00 9.82
C THR B 215 6.14 -27.43 8.34
N PRO B 216 7.31 -27.83 7.83
CA PRO B 216 7.38 -28.26 6.44
C PRO B 216 6.42 -29.40 6.07
N GLU B 217 6.30 -30.42 6.92
CA GLU B 217 5.33 -31.48 6.62
C GLU B 217 3.90 -30.91 6.60
N GLN B 218 3.51 -30.21 7.66
CA GLN B 218 2.19 -29.58 7.67
C GLN B 218 1.98 -28.74 6.43
N MET B 219 3.06 -28.08 5.99
CA MET B 219 3.01 -27.27 4.80
C MET B 219 2.60 -28.08 3.56
N LYS B 220 3.02 -29.34 3.50
CA LYS B 220 2.64 -30.24 2.39
C LYS B 220 1.16 -30.61 2.39
N ASN B 221 0.58 -30.83 3.57
CA ASN B 221 -0.87 -31.08 3.68
C ASN B 221 -1.54 -30.07 4.62
N PHE B 222 -1.61 -28.83 4.15
CA PHE B 222 -2.11 -27.76 4.98
C PHE B 222 -3.62 -27.90 5.21
N ALA B 223 -4.34 -28.46 4.25
CA ALA B 223 -5.78 -28.70 4.43
C ALA B 223 -6.03 -29.49 5.71
N GLU B 224 -5.12 -30.41 6.01
CA GLU B 224 -5.28 -31.25 7.19
C GLU B 224 -5.00 -30.49 8.46
N ALA B 225 -3.93 -29.72 8.47
CA ALA B 225 -3.61 -28.93 9.62
C ALA B 225 -4.70 -27.93 10.05
N TYR B 226 -5.44 -27.42 9.09
CA TYR B 226 -6.51 -26.45 9.39
C TYR B 226 -7.73 -27.14 9.97
N THR B 227 -7.75 -28.48 9.96
CA THR B 227 -8.85 -29.18 10.62
C THR B 227 -8.45 -29.55 12.05
N GLN B 228 -7.30 -29.06 12.52
CA GLN B 228 -6.81 -29.51 13.84
C GLN B 228 -6.95 -28.48 14.98
N GLY B 229 -7.87 -27.53 14.85
CA GLY B 229 -8.14 -26.56 15.92
C GLY B 229 -8.64 -27.22 17.20
N PRO B 230 -8.14 -26.74 18.35
CA PRO B 230 -8.36 -27.50 19.58
C PRO B 230 -9.76 -27.33 20.12
N ASN B 231 -10.50 -26.34 19.64
CA ASN B 231 -11.87 -26.17 20.13
C ASN B 231 -13.00 -26.67 19.26
N LEU B 232 -12.67 -27.37 18.18
CA LEU B 232 -13.64 -27.71 17.18
C LEU B 232 -14.83 -28.48 17.73
N HIS B 233 -14.58 -29.59 18.45
CA HIS B 233 -15.71 -30.43 18.87
C HIS B 233 -16.49 -29.78 19.99
N ARG B 234 -15.81 -28.91 20.73
CA ARG B 234 -16.46 -28.09 21.73
C ARG B 234 -17.47 -27.14 21.05
N TYR B 235 -17.06 -26.48 19.95
CA TYR B 235 -18.01 -25.60 19.24
C TYR B 235 -19.17 -26.39 18.57
N LEU B 236 -18.89 -27.53 17.95
CA LEU B 236 -19.96 -28.33 17.38
C LEU B 236 -20.93 -28.84 18.46
N GLN B 237 -20.40 -29.24 19.63
CA GLN B 237 -21.29 -29.69 20.71
C GLN B 237 -22.13 -28.53 21.23
N GLU B 238 -21.56 -27.33 21.22
CA GLU B 238 -22.32 -26.16 21.67
C GLU B 238 -23.48 -25.79 20.72
N MET B 239 -23.21 -25.74 19.42
CA MET B 239 -24.20 -25.50 18.37
C MET B 239 -25.38 -26.50 18.46
N HIS B 240 -25.09 -27.77 18.70
CA HIS B 240 -26.12 -28.78 18.95
C HIS B 240 -26.96 -28.45 20.17
N GLU B 241 -26.31 -28.12 21.28
CA GLU B 241 -27.02 -27.82 22.53
C GLU B 241 -27.96 -26.61 22.38
N LYS B 242 -27.47 -25.57 21.70
CA LYS B 242 -28.21 -24.32 21.58
C LYS B 242 -29.15 -24.20 20.38
N VAL B 243 -28.90 -25.02 19.37
CA VAL B 243 -29.72 -25.01 18.16
C VAL B 243 -30.36 -26.38 17.90
N PHE B 244 -29.56 -27.37 17.53
CA PHE B 244 -30.16 -28.57 16.95
C PHE B 244 -30.93 -29.48 17.88
N ASP B 245 -30.63 -29.36 19.17
CA ASP B 245 -31.35 -30.10 20.17
C ASP B 245 -32.84 -29.72 20.19
N HIS B 246 -33.17 -28.54 19.69
CA HIS B 246 -34.52 -27.95 19.81
C HIS B 246 -35.40 -28.14 18.58
N TYR B 247 -34.82 -28.73 17.55
CA TYR B 247 -35.46 -28.85 16.25
C TYR B 247 -35.41 -30.31 15.87
N ASP B 248 -35.87 -30.59 14.67
CA ASP B 248 -35.97 -31.94 14.16
C ASP B 248 -35.19 -32.08 12.86
N ALA B 249 -34.41 -31.08 12.50
CA ALA B 249 -33.55 -31.05 11.30
C ALA B 249 -32.47 -32.12 11.30
N VAL B 250 -32.12 -32.65 10.13
CA VAL B 250 -30.94 -33.47 10.04
C VAL B 250 -29.70 -32.57 9.75
N THR B 251 -28.56 -32.89 10.33
CA THR B 251 -27.36 -32.13 9.98
C THR B 251 -26.32 -32.99 9.30
N ALA B 252 -25.63 -32.38 8.33
CA ALA B 252 -24.56 -33.06 7.64
C ALA B 252 -23.32 -32.16 7.50
N GLY B 253 -22.16 -32.70 7.88
CA GLY B 253 -20.89 -31.99 7.83
C GLY B 253 -20.00 -32.34 6.64
N GLU B 254 -19.53 -31.29 5.98
CA GLU B 254 -18.52 -31.45 4.95
C GLU B 254 -17.19 -31.41 5.67
N ILE B 255 -16.63 -32.59 5.87
CA ILE B 255 -15.43 -32.72 6.64
C ILE B 255 -14.28 -32.75 5.67
N PHE B 256 -13.91 -31.57 5.17
CA PHE B 256 -12.83 -31.48 4.20
CA PHE B 256 -12.86 -31.49 4.18
C PHE B 256 -11.49 -31.29 4.85
N GLY B 257 -10.54 -32.14 4.51
CA GLY B 257 -9.20 -31.99 5.05
C GLY B 257 -8.89 -32.95 6.17
N ALA B 258 -9.92 -33.41 6.88
CA ALA B 258 -9.71 -34.22 8.08
C ALA B 258 -9.36 -35.68 7.76
N PRO B 259 -8.41 -36.26 8.50
CA PRO B 259 -8.18 -37.68 8.33
C PRO B 259 -9.43 -38.46 8.67
N LEU B 260 -9.62 -39.55 7.96
CA LEU B 260 -10.75 -40.45 8.17
C LEU B 260 -11.00 -40.87 9.62
N ASN B 261 -9.93 -41.10 10.39
CA ASN B 261 -10.12 -41.67 11.72
C ASN B 261 -10.68 -40.67 12.71
N GLN B 262 -10.70 -39.38 12.32
CA GLN B 262 -11.37 -38.36 13.11
C GLN B 262 -12.87 -38.20 12.84
N VAL B 263 -13.36 -38.76 11.74
CA VAL B 263 -14.78 -38.64 11.35
C VAL B 263 -15.80 -39.03 12.42
N PRO B 264 -15.53 -40.11 13.19
CA PRO B 264 -16.43 -40.54 14.24
C PRO B 264 -16.72 -39.46 15.27
N LEU B 265 -15.78 -38.53 15.49
CA LEU B 265 -15.97 -37.45 16.46
C LEU B 265 -17.08 -36.46 16.02
N PHE B 266 -17.30 -36.39 14.70
CA PHE B 266 -18.37 -35.58 14.12
C PHE B 266 -19.78 -36.21 14.08
N ILE B 267 -19.85 -37.53 13.91
CA ILE B 267 -21.13 -38.20 13.56
C ILE B 267 -21.67 -39.26 14.51
N ASP B 268 -20.85 -39.71 15.44
CA ASP B 268 -21.35 -40.62 16.49
C ASP B 268 -22.54 -39.90 17.18
N SER B 269 -23.72 -40.51 17.12
CA SER B 269 -24.93 -39.86 17.63
C SER B 269 -24.82 -39.53 19.11
N ARG B 270 -24.11 -40.39 19.84
CA ARG B 270 -23.90 -40.20 21.27
C ARG B 270 -23.13 -38.92 21.65
N ARG B 271 -22.25 -38.44 20.77
CA ARG B 271 -21.55 -37.17 21.00
C ARG B 271 -22.39 -35.91 20.77
N LYS B 272 -23.58 -36.06 20.22
CA LYS B 272 -24.43 -34.86 19.95
C LYS B 272 -23.73 -33.71 19.21
N GLU B 273 -23.19 -34.06 18.05
CA GLU B 273 -22.66 -33.06 17.13
C GLU B 273 -23.45 -33.07 15.84
N LEU B 274 -23.00 -33.82 14.83
CA LEU B 274 -23.70 -33.90 13.54
C LEU B 274 -24.29 -35.28 13.30
N ASP B 275 -25.24 -35.36 12.38
CA ASP B 275 -25.84 -36.65 12.05
C ASP B 275 -25.12 -37.47 10.97
N MET B 276 -24.73 -36.79 9.91
CA MET B 276 -24.21 -37.44 8.68
C MET B 276 -22.90 -36.76 8.29
N ALA B 277 -22.01 -37.54 7.68
CA ALA B 277 -20.74 -37.07 7.12
C ALA B 277 -20.64 -37.06 5.56
N PHE B 278 -20.22 -35.93 4.99
CA PHE B 278 -19.70 -35.90 3.64
C PHE B 278 -18.18 -36.01 3.78
N THR B 279 -17.59 -37.11 3.29
CA THR B 279 -16.13 -37.22 3.29
C THR B 279 -15.61 -37.10 1.88
N PHE B 280 -14.28 -37.01 1.75
CA PHE B 280 -13.67 -36.86 0.43
C PHE B 280 -12.68 -37.92 0.04
N ASP B 281 -12.52 -38.89 0.93
CA ASP B 281 -11.64 -39.98 0.61
C ASP B 281 -11.98 -40.63 -0.72
N LEU B 282 -13.27 -40.93 -0.97
CA LEU B 282 -13.63 -41.58 -2.23
C LEU B 282 -13.55 -40.64 -3.42
N ILE B 283 -14.24 -39.51 -3.32
CA ILE B 283 -14.34 -38.71 -4.50
C ILE B 283 -12.99 -38.14 -4.92
N ARG B 284 -12.13 -37.90 -3.95
CA ARG B 284 -10.82 -37.38 -4.25
C ARG B 284 -9.80 -38.52 -4.30
N TYR B 285 -10.23 -39.79 -4.30
CA TYR B 285 -9.27 -40.91 -4.17
C TYR B 285 -8.17 -40.95 -5.27
N ASP B 286 -8.42 -40.29 -6.41
CA ASP B 286 -7.44 -40.21 -7.47
C ASP B 286 -6.96 -38.79 -7.77
N ARG B 287 -7.06 -37.91 -6.78
CA ARG B 287 -6.58 -36.52 -6.91
C ARG B 287 -5.25 -36.40 -6.18
N ALA B 288 -4.34 -35.64 -6.75
CA ALA B 288 -3.04 -35.42 -6.09
C ALA B 288 -3.21 -34.40 -4.95
N LEU B 289 -2.18 -34.29 -4.11
CA LEU B 289 -2.18 -33.28 -3.04
C LEU B 289 -2.45 -31.85 -3.53
N ASP B 290 -2.00 -31.51 -4.74
CA ASP B 290 -2.20 -30.12 -5.22
C ASP B 290 -3.64 -29.89 -5.59
N ARG B 291 -4.46 -30.95 -5.51
CA ARG B 291 -5.90 -30.90 -5.78
C ARG B 291 -6.23 -30.60 -7.25
N TRP B 292 -5.24 -30.69 -8.13
CA TRP B 292 -5.49 -30.48 -9.57
C TRP B 292 -4.94 -31.59 -10.50
N HIS B 293 -3.84 -32.21 -10.10
CA HIS B 293 -3.36 -33.40 -10.80
C HIS B 293 -4.14 -34.64 -10.40
N THR B 294 -4.11 -35.61 -11.30
CA THR B 294 -4.81 -36.89 -11.13
C THR B 294 -3.71 -37.90 -10.88
N ILE B 295 -4.02 -38.94 -10.10
CA ILE B 295 -3.10 -40.06 -9.93
C ILE B 295 -3.84 -41.31 -10.43
N PRO B 296 -3.13 -42.19 -11.13
CA PRO B 296 -3.94 -43.32 -11.58
C PRO B 296 -4.29 -44.31 -10.45
N ARG B 297 -5.56 -44.72 -10.39
CA ARG B 297 -6.09 -45.69 -9.42
C ARG B 297 -6.86 -46.82 -10.12
N THR B 298 -7.12 -47.92 -9.41
CA THR B 298 -7.90 -48.98 -10.00
C THR B 298 -9.20 -49.18 -9.21
N LEU B 299 -10.10 -50.04 -9.67
CA LEU B 299 -11.23 -50.44 -8.79
C LEU B 299 -10.83 -50.98 -7.39
N ALA B 300 -9.68 -51.64 -7.26
CA ALA B 300 -9.28 -52.14 -5.92
C ALA B 300 -9.10 -50.96 -4.96
N ASP B 301 -8.51 -49.85 -5.43
CA ASP B 301 -8.37 -48.63 -4.61
C ASP B 301 -9.74 -48.01 -4.26
N PHE B 302 -10.63 -47.98 -5.26
CA PHE B 302 -11.99 -47.44 -5.14
C PHE B 302 -12.72 -48.16 -4.00
N ARG B 303 -12.77 -49.49 -4.06
CA ARG B 303 -13.52 -50.30 -3.08
C ARG B 303 -12.91 -50.31 -1.67
N GLN B 304 -11.59 -50.30 -1.60
CA GLN B 304 -10.91 -50.31 -0.31
C GLN B 304 -11.16 -49.00 0.44
N THR B 305 -11.19 -47.89 -0.30
CA THR B 305 -11.52 -46.58 0.29
C THR B 305 -12.93 -46.68 0.85
N ILE B 306 -13.87 -47.14 0.02
CA ILE B 306 -15.27 -47.27 0.46
C ILE B 306 -15.37 -48.07 1.77
N ASP B 307 -14.64 -49.18 1.81
CA ASP B 307 -14.64 -50.07 2.98
C ASP B 307 -14.16 -49.28 4.21
N LYS B 308 -13.05 -48.57 4.03
CA LYS B 308 -12.52 -47.70 5.11
C LYS B 308 -13.54 -46.68 5.64
N VAL B 309 -14.22 -46.01 4.71
CA VAL B 309 -15.26 -45.04 5.00
C VAL B 309 -16.42 -45.75 5.69
N ASP B 310 -16.83 -46.93 5.20
CA ASP B 310 -17.95 -47.60 5.89
C ASP B 310 -17.58 -47.96 7.34
N ALA B 311 -16.35 -48.36 7.57
CA ALA B 311 -15.88 -48.76 8.89
C ALA B 311 -15.93 -47.62 9.92
N ILE B 312 -15.82 -46.37 9.47
CA ILE B 312 -15.77 -45.24 10.42
CA ILE B 312 -15.76 -45.21 10.37
C ILE B 312 -17.14 -44.82 10.89
N ALA B 313 -18.18 -45.36 10.26
CA ALA B 313 -19.52 -45.15 10.76
C ALA B 313 -19.76 -45.98 12.05
N GLY B 314 -19.04 -47.09 12.22
CA GLY B 314 -19.22 -47.95 13.39
C GLY B 314 -20.70 -48.25 13.63
N GLU B 315 -21.13 -48.22 14.89
CA GLU B 315 -22.51 -48.47 15.29
C GLU B 315 -23.44 -47.26 15.32
N TYR B 316 -22.92 -46.14 15.76
CA TYR B 316 -23.77 -45.01 16.14
C TYR B 316 -23.57 -43.85 15.14
N GLY B 317 -22.81 -44.08 14.07
CA GLY B 317 -22.52 -43.02 13.09
C GLY B 317 -23.24 -43.26 11.77
N TRP B 318 -23.14 -42.32 10.84
CA TRP B 318 -23.86 -42.47 9.59
C TRP B 318 -23.15 -41.67 8.50
N ASN B 319 -23.04 -42.26 7.30
CA ASN B 319 -22.39 -41.62 6.14
C ASN B 319 -23.39 -41.19 5.10
N THR B 320 -23.04 -40.17 4.33
CA THR B 320 -23.70 -39.88 3.06
C THR B 320 -22.89 -40.65 2.04
N PHE B 321 -23.45 -40.85 0.85
CA PHE B 321 -22.68 -41.41 -0.24
C PHE B 321 -22.94 -40.59 -1.50
N PHE B 322 -21.85 -40.32 -2.21
CA PHE B 322 -21.97 -39.55 -3.44
C PHE B 322 -20.79 -39.84 -4.35
N LEU B 323 -21.05 -39.72 -5.65
CA LEU B 323 -20.03 -39.87 -6.65
C LEU B 323 -19.81 -38.55 -7.37
N GLY B 324 -20.69 -37.57 -7.12
CA GLY B 324 -20.51 -36.28 -7.75
C GLY B 324 -21.02 -35.11 -6.94
N ASN B 325 -20.48 -33.92 -7.19
CA ASN B 325 -21.02 -32.68 -6.59
C ASN B 325 -20.59 -31.41 -7.36
N HIS B 326 -20.89 -30.24 -6.84
CA HIS B 326 -20.60 -29.02 -7.60
C HIS B 326 -19.10 -28.67 -7.54
N ASP B 327 -18.32 -29.47 -6.82
CA ASP B 327 -16.87 -29.19 -6.59
C ASP B 327 -15.94 -30.17 -7.34
N ASN B 328 -16.54 -31.08 -8.11
CA ASN B 328 -15.83 -32.25 -8.68
C ASN B 328 -16.21 -32.54 -10.14
N PRO B 329 -15.37 -33.30 -10.89
CA PRO B 329 -15.78 -33.57 -12.28
C PRO B 329 -16.98 -34.55 -12.31
N ARG B 330 -17.62 -34.68 -13.47
CA ARG B 330 -18.82 -35.50 -13.63
C ARG B 330 -18.56 -36.98 -13.35
N ALA B 331 -19.53 -37.60 -12.68
CA ALA B 331 -19.39 -38.97 -12.21
C ALA B 331 -19.13 -39.93 -13.34
N VAL B 332 -19.89 -39.83 -14.43
CA VAL B 332 -19.65 -40.79 -15.53
C VAL B 332 -18.25 -40.63 -16.13
N SER B 333 -17.80 -39.38 -16.34
CA SER B 333 -16.46 -39.11 -16.84
C SER B 333 -15.29 -39.62 -15.95
N HIS B 334 -15.45 -39.39 -14.65
CA HIS B 334 -14.44 -39.60 -13.61
C HIS B 334 -14.30 -41.07 -13.21
N PHE B 335 -15.44 -41.73 -13.01
CA PHE B 335 -15.45 -43.10 -12.54
C PHE B 335 -15.96 -44.07 -13.59
N GLY B 336 -16.58 -43.56 -14.66
CA GLY B 336 -17.17 -44.39 -15.68
C GLY B 336 -16.40 -44.30 -16.99
N ASP B 337 -17.09 -44.48 -18.11
CA ASP B 337 -16.44 -44.27 -19.39
C ASP B 337 -17.37 -43.38 -20.17
N ASP B 338 -16.99 -42.13 -20.42
CA ASP B 338 -17.93 -41.22 -21.05
C ASP B 338 -17.91 -41.21 -22.59
N ARG B 339 -17.19 -42.16 -23.22
CA ARG B 339 -17.17 -42.18 -24.71
C ARG B 339 -18.56 -42.56 -25.20
N PRO B 340 -18.98 -42.07 -26.38
CA PRO B 340 -20.35 -42.29 -26.83
C PRO B 340 -20.85 -43.75 -26.72
N GLN B 341 -19.99 -44.75 -26.93
CA GLN B 341 -20.48 -46.13 -26.88
C GLN B 341 -20.56 -46.79 -25.50
N TRP B 342 -19.98 -46.16 -24.48
CA TRP B 342 -20.03 -46.70 -23.11
C TRP B 342 -20.70 -45.81 -22.06
N ARG B 343 -21.03 -44.57 -22.44
CA ARG B 343 -21.54 -43.56 -21.50
C ARG B 343 -22.79 -44.04 -20.74
N GLU B 344 -23.78 -44.50 -21.49
CA GLU B 344 -25.05 -44.92 -20.89
C GLU B 344 -24.88 -46.13 -20.04
N ALA B 345 -24.15 -47.12 -20.56
CA ALA B 345 -23.94 -48.36 -19.82
C ALA B 345 -23.18 -48.12 -18.51
N SER B 346 -22.14 -47.28 -18.57
CA SER B 346 -21.29 -47.00 -17.39
C SER B 346 -22.03 -46.08 -16.42
N ALA B 347 -22.86 -45.16 -16.94
CA ALA B 347 -23.69 -44.31 -16.07
C ALA B 347 -24.72 -45.13 -15.28
N LYS B 348 -25.28 -46.14 -15.93
CA LYS B 348 -26.17 -47.07 -15.26
C LYS B 348 -25.38 -47.82 -14.18
N ALA B 349 -24.19 -48.33 -14.51
CA ALA B 349 -23.38 -49.09 -13.51
C ALA B 349 -23.11 -48.25 -12.26
N LEU B 350 -22.77 -46.97 -12.49
CA LEU B 350 -22.50 -46.07 -11.39
C LEU B 350 -23.74 -45.77 -10.54
N ALA B 351 -24.90 -45.76 -11.19
CA ALA B 351 -26.17 -45.54 -10.52
C ALA B 351 -26.45 -46.76 -9.62
N THR B 352 -26.20 -47.94 -10.11
CA THR B 352 -26.42 -49.09 -9.23
C THR B 352 -25.58 -48.97 -7.96
N VAL B 353 -24.30 -48.64 -8.13
CA VAL B 353 -23.42 -48.38 -6.97
C VAL B 353 -23.98 -47.32 -6.00
N THR B 354 -24.14 -46.08 -6.48
CA THR B 354 -24.68 -44.97 -5.68
C THR B 354 -25.86 -45.41 -4.77
N LEU B 355 -26.75 -46.22 -5.34
CA LEU B 355 -28.03 -46.46 -4.74
C LEU B 355 -28.12 -47.76 -3.98
N THR B 356 -27.01 -48.48 -3.89
CA THR B 356 -26.98 -49.69 -3.05
C THR B 356 -25.86 -49.57 -2.04
N GLN B 357 -25.30 -48.36 -1.91
CA GLN B 357 -24.33 -48.12 -0.86
C GLN B 357 -25.00 -47.97 0.50
N ARG B 358 -24.26 -48.29 1.56
CA ARG B 358 -24.72 -48.07 2.91
C ARG B 358 -24.51 -46.57 3.24
N GLY B 359 -25.51 -45.90 3.76
CA GLY B 359 -25.40 -44.46 3.99
C GLY B 359 -26.55 -43.77 3.26
N THR B 360 -26.55 -42.45 3.21
CA THR B 360 -27.62 -41.68 2.56
C THR B 360 -27.11 -41.10 1.24
N PRO B 361 -27.63 -41.62 0.10
CA PRO B 361 -27.03 -41.20 -1.15
C PRO B 361 -27.50 -39.82 -1.61
N PHE B 362 -26.57 -39.11 -2.20
CA PHE B 362 -26.86 -37.83 -2.83
C PHE B 362 -26.58 -37.98 -4.34
N ILE B 363 -27.58 -37.62 -5.16
CA ILE B 363 -27.44 -37.68 -6.62
C ILE B 363 -27.35 -36.23 -7.06
N PHE B 364 -26.33 -35.94 -7.85
CA PHE B 364 -26.03 -34.59 -8.27
C PHE B 364 -26.77 -34.28 -9.57
N GLN B 365 -27.48 -33.15 -9.59
CA GLN B 365 -28.31 -32.80 -10.75
C GLN B 365 -27.60 -33.08 -12.08
N GLY B 366 -28.29 -33.74 -13.00
CA GLY B 366 -27.74 -34.09 -14.31
C GLY B 366 -27.15 -35.50 -14.40
N ASP B 367 -26.80 -36.10 -13.28
CA ASP B 367 -26.15 -37.42 -13.34
C ASP B 367 -27.16 -38.49 -13.63
N GLU B 368 -28.43 -38.19 -13.30
CA GLU B 368 -29.49 -39.09 -13.66
C GLU B 368 -29.69 -39.09 -15.17
N LEU B 369 -29.23 -38.07 -15.90
CA LEU B 369 -29.26 -38.09 -17.39
C LEU B 369 -28.00 -38.66 -18.03
N GLY B 370 -26.95 -38.84 -17.25
CA GLY B 370 -25.66 -39.27 -17.78
C GLY B 370 -24.87 -38.12 -18.37
N MET B 371 -25.01 -36.93 -17.80
CA MET B 371 -24.24 -35.79 -18.27
C MET B 371 -22.76 -36.00 -18.00
N THR B 372 -21.92 -35.33 -18.80
CA THR B 372 -20.49 -35.61 -18.81
C THR B 372 -19.68 -34.34 -18.59
N ASN B 373 -18.36 -34.46 -18.50
CA ASN B 373 -17.49 -33.30 -18.44
C ASN B 373 -17.70 -32.46 -19.68
N TYR B 374 -17.36 -31.19 -19.59
CA TYR B 374 -17.48 -30.25 -20.69
C TYR B 374 -16.19 -30.23 -21.51
N PRO B 375 -16.30 -30.10 -22.85
CA PRO B 375 -15.05 -30.02 -23.65
C PRO B 375 -14.39 -28.62 -23.66
N PHE B 376 -13.69 -28.29 -22.58
CA PHE B 376 -12.96 -27.05 -22.47
C PHE B 376 -11.95 -26.89 -23.59
N LYS B 377 -11.90 -25.70 -24.17
CA LYS B 377 -10.91 -25.44 -25.19
C LYS B 377 -10.60 -23.94 -25.23
N THR B 378 -10.25 -23.39 -24.06
CA THR B 378 -9.91 -21.96 -23.89
C THR B 378 -9.59 -21.57 -22.44
N LEU B 379 -9.51 -20.28 -22.21
CA LEU B 379 -9.28 -19.72 -20.89
C LEU B 379 -10.60 -19.60 -20.14
N GLN B 380 -11.45 -18.70 -20.62
CA GLN B 380 -12.72 -18.33 -19.99
C GLN B 380 -13.62 -19.52 -19.71
N ASP B 381 -13.58 -20.52 -20.58
CA ASP B 381 -14.22 -21.80 -20.27
C ASP B 381 -13.97 -22.24 -18.82
N PHE B 382 -12.75 -22.04 -18.32
CA PHE B 382 -12.37 -22.55 -17.00
C PHE B 382 -12.58 -21.58 -15.85
N ASP B 383 -13.06 -20.36 -16.10
CA ASP B 383 -13.07 -19.31 -15.09
CA ASP B 383 -13.00 -19.33 -15.07
C ASP B 383 -13.82 -19.71 -13.83
N ASP B 384 -13.18 -19.48 -12.69
CA ASP B 384 -13.57 -20.04 -11.39
C ASP B 384 -12.48 -19.49 -10.51
N ILE B 385 -12.86 -18.94 -9.37
CA ILE B 385 -11.90 -18.48 -8.38
C ILE B 385 -10.84 -19.53 -8.04
N GLU B 386 -11.23 -20.80 -7.98
CA GLU B 386 -10.26 -21.87 -7.68
C GLU B 386 -9.16 -22.02 -8.76
N VAL B 387 -9.53 -21.91 -10.04
CA VAL B 387 -8.52 -22.00 -11.12
CA VAL B 387 -8.53 -22.00 -11.11
C VAL B 387 -7.63 -20.76 -11.17
N LYS B 388 -8.21 -19.57 -10.96
CA LYS B 388 -7.39 -18.33 -10.86
C LYS B 388 -6.31 -18.55 -9.80
N GLY B 389 -6.72 -19.20 -8.72
CA GLY B 389 -5.85 -19.57 -7.63
C GLY B 389 -4.69 -20.50 -8.00
N PHE B 390 -4.96 -21.56 -8.77
CA PHE B 390 -3.89 -22.44 -9.27
C PHE B 390 -2.93 -21.66 -10.22
N PHE B 391 -3.47 -20.75 -11.04
CA PHE B 391 -2.64 -19.86 -11.89
C PHE B 391 -1.62 -19.07 -11.06
N GLN B 392 -2.15 -18.33 -10.10
CA GLN B 392 -1.33 -17.61 -9.15
C GLN B 392 -0.29 -18.54 -8.50
N ASP B 393 -0.69 -19.74 -8.07
CA ASP B 393 0.24 -20.57 -7.33
C ASP B 393 1.14 -21.45 -8.17
N TYR B 394 0.71 -21.82 -9.37
CA TYR B 394 1.52 -22.75 -10.15
C TYR B 394 2.09 -22.22 -11.43
N VAL B 395 1.41 -21.25 -12.06
CA VAL B 395 1.84 -20.75 -13.37
C VAL B 395 2.69 -19.51 -13.24
N GLU B 396 2.15 -18.50 -12.53
CA GLU B 396 2.89 -17.28 -12.29
C GLU B 396 4.22 -17.55 -11.59
N THR B 397 4.28 -18.60 -10.78
CA THR B 397 5.50 -18.97 -10.08
C THR B 397 6.40 -19.86 -10.92
N GLY B 398 6.02 -20.06 -12.18
CA GLY B 398 6.78 -20.94 -13.11
C GLY B 398 6.87 -22.43 -12.79
N LYS B 399 6.04 -22.95 -11.89
CA LYS B 399 6.09 -24.39 -11.55
C LYS B 399 5.47 -25.23 -12.64
N ALA B 400 4.56 -24.61 -13.38
CA ALA B 400 3.89 -25.28 -14.49
C ALA B 400 3.47 -24.25 -15.54
N THR B 401 3.32 -24.70 -16.80
CA THR B 401 2.89 -23.81 -17.87
C THR B 401 1.37 -23.73 -17.85
N ALA B 402 0.81 -22.74 -18.52
CA ALA B 402 -0.65 -22.58 -18.60
C ALA B 402 -1.24 -23.83 -19.20
N GLU B 403 -0.59 -24.35 -20.22
CA GLU B 403 -1.03 -25.54 -20.91
C GLU B 403 -1.08 -26.81 -20.05
N GLU B 404 -0.04 -27.05 -19.29
CA GLU B 404 -0.06 -28.11 -18.28
C GLU B 404 -1.23 -27.94 -17.31
N LEU B 405 -1.44 -26.71 -16.85
CA LEU B 405 -2.52 -26.48 -15.91
C LEU B 405 -3.85 -26.83 -16.55
N LEU B 406 -4.10 -26.28 -17.75
CA LEU B 406 -5.38 -26.51 -18.38
CA LEU B 406 -5.34 -26.50 -18.53
C LEU B 406 -5.59 -27.96 -18.82
N THR B 407 -4.55 -28.64 -19.31
CA THR B 407 -4.66 -30.05 -19.66
C THR B 407 -5.21 -30.84 -18.47
N ASN B 408 -4.75 -30.53 -17.27
CA ASN B 408 -5.17 -31.27 -16.10
C ASN B 408 -6.48 -30.82 -15.51
N VAL B 409 -6.67 -29.52 -15.44
CA VAL B 409 -7.93 -29.01 -14.93
C VAL B 409 -9.14 -29.29 -15.85
N ALA B 410 -8.89 -29.57 -17.13
CA ALA B 410 -9.96 -30.04 -18.01
C ALA B 410 -10.56 -31.31 -17.38
N LEU B 411 -9.72 -32.11 -16.74
CA LEU B 411 -10.15 -33.35 -16.09
C LEU B 411 -10.75 -33.20 -14.68
N THR B 412 -10.34 -32.19 -13.92
CA THR B 412 -10.76 -32.10 -12.50
C THR B 412 -11.59 -30.86 -12.20
N SER B 413 -11.67 -29.93 -13.14
CA SER B 413 -12.30 -28.66 -12.86
C SER B 413 -13.75 -28.79 -12.41
N ARG B 414 -14.09 -28.01 -11.38
CA ARG B 414 -15.41 -28.05 -10.80
C ARG B 414 -16.39 -27.45 -11.80
N ASN B 415 -15.92 -26.65 -12.76
CA ASN B 415 -16.79 -26.16 -13.84
C ASN B 415 -17.42 -27.31 -14.63
N ASN B 416 -16.73 -28.46 -14.66
CA ASN B 416 -17.33 -29.66 -15.25
C ASN B 416 -18.74 -29.96 -14.72
N ALA B 417 -18.99 -29.60 -13.47
CA ALA B 417 -20.23 -30.01 -12.80
C ALA B 417 -21.28 -28.91 -12.90
N ARG B 418 -20.87 -27.75 -13.40
CA ARG B 418 -21.65 -26.52 -13.27
C ARG B 418 -22.30 -26.07 -14.54
N THR B 419 -22.08 -26.81 -15.63
CA THR B 419 -22.67 -26.44 -16.92
C THR B 419 -24.20 -26.63 -16.81
N PRO B 420 -24.99 -25.81 -17.49
CA PRO B 420 -26.42 -25.83 -17.27
C PRO B 420 -27.07 -27.23 -17.41
N PHE B 421 -27.97 -27.56 -16.49
CA PHE B 421 -28.78 -28.79 -16.60
C PHE B 421 -29.42 -28.89 -18.00
N GLN B 422 -29.41 -30.09 -18.60
CA GLN B 422 -29.91 -30.28 -19.97
C GLN B 422 -31.35 -30.80 -20.01
N TRP B 423 -32.30 -29.87 -20.20
CA TRP B 423 -33.71 -30.19 -20.02
C TRP B 423 -34.30 -30.84 -21.27
N ASP B 424 -34.00 -30.24 -22.42
CA ASP B 424 -34.46 -30.76 -23.70
C ASP B 424 -33.46 -30.46 -24.81
N ASP B 425 -33.89 -30.50 -26.07
CA ASP B 425 -32.97 -30.13 -27.15
C ASP B 425 -33.28 -28.78 -27.80
N SER B 426 -33.98 -27.90 -27.10
CA SER B 426 -34.14 -26.52 -27.59
C SER B 426 -32.89 -25.70 -27.35
N ALA B 427 -32.94 -24.42 -27.69
CA ALA B 427 -31.79 -23.53 -27.51
C ALA B 427 -31.27 -23.68 -26.08
N ASN B 428 -29.95 -23.85 -25.96
CA ASN B 428 -29.30 -24.00 -24.66
C ASN B 428 -30.00 -25.02 -23.76
N ALA B 429 -30.23 -26.18 -24.35
CA ALA B 429 -30.88 -27.33 -23.74
C ALA B 429 -32.09 -27.05 -22.90
N GLY B 430 -32.75 -25.92 -23.17
CA GLY B 430 -33.98 -25.58 -22.47
C GLY B 430 -33.74 -25.02 -21.09
N PHE B 431 -32.47 -24.74 -20.77
CA PHE B 431 -32.13 -24.12 -19.48
C PHE B 431 -32.47 -22.62 -19.38
N THR B 432 -32.28 -21.88 -20.48
CA THR B 432 -32.54 -20.43 -20.48
C THR B 432 -32.97 -19.96 -21.87
N THR B 433 -33.62 -18.79 -21.90
CA THR B 433 -33.98 -18.17 -23.16
C THR B 433 -32.92 -17.14 -23.52
N GLY B 434 -31.98 -16.92 -22.60
CA GLY B 434 -30.92 -15.95 -22.78
C GLY B 434 -29.61 -16.65 -23.03
N LYS B 435 -28.52 -16.01 -22.61
CA LYS B 435 -27.18 -16.54 -22.72
C LYS B 435 -26.82 -17.04 -21.32
N PRO B 436 -26.62 -18.36 -21.18
CA PRO B 436 -26.29 -18.96 -19.90
C PRO B 436 -24.95 -18.44 -19.39
N TRP B 437 -24.84 -18.27 -18.08
CA TRP B 437 -23.62 -17.80 -17.45
C TRP B 437 -22.40 -18.67 -17.75
N LEU B 438 -22.64 -19.96 -17.98
CA LEU B 438 -21.59 -20.89 -18.40
C LEU B 438 -22.17 -21.68 -19.59
N LYS B 439 -21.37 -21.89 -20.65
CA LYS B 439 -21.85 -22.62 -21.83
C LYS B 439 -22.44 -24.02 -21.54
N VAL B 440 -23.52 -24.32 -22.25
CA VAL B 440 -24.17 -25.63 -22.19
C VAL B 440 -23.29 -26.59 -22.93
N ASN B 441 -23.19 -27.81 -22.44
CA ASN B 441 -22.48 -28.85 -23.17
C ASN B 441 -23.15 -29.18 -24.53
N PRO B 442 -22.37 -29.19 -25.62
CA PRO B 442 -23.02 -29.47 -26.90
C PRO B 442 -23.66 -30.85 -27.00
N ASN B 443 -23.25 -31.84 -26.19
CA ASN B 443 -23.93 -33.17 -26.22
C ASN B 443 -25.35 -33.11 -25.71
N TYR B 444 -25.89 -31.90 -25.49
CA TYR B 444 -27.27 -31.78 -25.05
C TYR B 444 -28.26 -32.25 -26.13
N THR B 445 -27.78 -32.29 -27.38
CA THR B 445 -28.62 -32.82 -28.46
C THR B 445 -28.88 -34.33 -28.30
N GLU B 446 -27.98 -35.04 -27.62
CA GLU B 446 -28.18 -36.46 -27.28
C GLU B 446 -28.56 -36.68 -25.82
N ILE B 447 -28.20 -35.75 -24.94
CA ILE B 447 -28.30 -36.00 -23.50
C ILE B 447 -29.20 -34.91 -22.90
N ASN B 448 -30.46 -35.25 -22.63
CA ASN B 448 -31.38 -34.20 -22.13
C ASN B 448 -32.61 -34.80 -21.49
N ALA B 449 -33.26 -34.07 -20.57
CA ALA B 449 -34.32 -34.68 -19.78
C ALA B 449 -35.53 -35.16 -20.60
N ALA B 450 -35.97 -34.36 -21.56
CA ALA B 450 -37.14 -34.73 -22.38
C ALA B 450 -36.98 -36.12 -23.01
N ARG B 451 -35.85 -36.38 -23.66
CA ARG B 451 -35.58 -37.64 -24.34
C ARG B 451 -35.38 -38.82 -23.36
N GLU B 452 -34.72 -38.58 -22.22
CA GLU B 452 -34.55 -39.60 -21.17
C GLU B 452 -35.91 -40.04 -20.60
N ILE B 453 -36.75 -39.06 -20.32
CA ILE B 453 -38.05 -39.28 -19.67
C ILE B 453 -39.00 -40.18 -20.49
N GLY B 454 -38.94 -40.04 -21.81
CA GLY B 454 -39.77 -40.83 -22.72
C GLY B 454 -39.22 -42.20 -23.08
N ASP B 455 -38.03 -42.53 -22.60
CA ASP B 455 -37.40 -43.77 -23.03
C ASP B 455 -37.16 -44.74 -21.87
N PRO B 456 -37.96 -45.81 -21.80
CA PRO B 456 -37.88 -46.83 -20.77
C PRO B 456 -36.50 -47.44 -20.57
N LYS B 457 -35.65 -47.41 -21.59
CA LYS B 457 -34.28 -47.92 -21.53
C LYS B 457 -33.22 -46.84 -21.19
N SER B 458 -33.66 -45.64 -20.86
CA SER B 458 -32.73 -44.50 -20.62
C SER B 458 -32.01 -44.57 -19.25
N VAL B 459 -31.01 -43.70 -19.09
CA VAL B 459 -30.24 -43.62 -17.84
C VAL B 459 -31.21 -43.13 -16.76
N TYR B 460 -32.01 -42.14 -17.13
CA TYR B 460 -33.04 -41.64 -16.22
C TYR B 460 -34.00 -42.73 -15.75
N SER B 461 -34.46 -43.57 -16.67
CA SER B 461 -35.46 -44.54 -16.28
C SER B 461 -34.81 -45.56 -15.36
N PHE B 462 -33.53 -45.82 -15.61
CA PHE B 462 -32.76 -46.69 -14.74
C PHE B 462 -32.59 -46.18 -13.28
N TYR B 463 -32.24 -44.89 -13.13
CA TYR B 463 -32.16 -44.21 -11.82
C TYR B 463 -33.51 -44.30 -11.08
N ARG B 464 -34.59 -43.94 -11.74
CA ARG B 464 -35.93 -44.03 -11.14
C ARG B 464 -36.28 -45.44 -10.62
N ASN B 465 -35.94 -46.45 -11.41
CA ASN B 465 -36.22 -47.84 -11.08
C ASN B 465 -35.38 -48.31 -9.88
N LEU B 466 -34.12 -47.90 -9.84
CA LEU B 466 -33.26 -48.14 -8.68
C LEU B 466 -33.79 -47.43 -7.43
N ILE B 467 -34.19 -46.18 -7.57
CA ILE B 467 -34.70 -45.45 -6.42
C ILE B 467 -35.95 -46.17 -5.89
N SER B 468 -36.67 -46.81 -6.79
CA SER B 468 -37.88 -47.53 -6.41
C SER B 468 -37.59 -48.76 -5.56
N ILE B 469 -36.70 -49.61 -6.06
CA ILE B 469 -36.26 -50.85 -5.43
C ILE B 469 -35.60 -50.57 -4.07
N ARG B 470 -34.85 -49.48 -3.99
CA ARG B 470 -34.21 -49.10 -2.75
C ARG B 470 -35.27 -48.72 -1.72
N HIS B 471 -36.20 -47.83 -2.10
CA HIS B 471 -37.27 -47.35 -1.22
CA HIS B 471 -37.28 -47.37 -1.21
C HIS B 471 -38.08 -48.51 -0.62
N GLU B 472 -38.10 -49.65 -1.30
CA GLU B 472 -38.91 -50.78 -0.82
C GLU B 472 -38.09 -51.98 -0.34
N THR B 473 -36.77 -51.79 -0.27
CA THR B 473 -35.87 -52.80 0.24
C THR B 473 -35.00 -52.24 1.37
N PRO B 474 -35.44 -52.43 2.62
CA PRO B 474 -34.72 -51.85 3.76
C PRO B 474 -33.23 -52.23 3.86
N ALA B 475 -32.83 -53.46 3.51
CA ALA B 475 -31.40 -53.83 3.61
C ALA B 475 -30.53 -52.89 2.75
N LEU B 476 -31.16 -52.31 1.73
CA LEU B 476 -30.41 -51.53 0.74
C LEU B 476 -30.09 -50.11 1.21
N SER B 477 -30.65 -49.68 2.33
CA SER B 477 -30.22 -48.39 2.92
C SER B 477 -29.58 -48.66 4.28
N THR B 478 -30.36 -49.23 5.19
CA THR B 478 -29.87 -49.45 6.56
C THR B 478 -29.16 -50.79 6.78
N GLY B 479 -29.12 -51.63 5.74
CA GLY B 479 -28.52 -52.97 5.90
C GLY B 479 -27.06 -52.85 6.21
N SER B 480 -26.43 -53.91 6.70
CA SER B 480 -24.99 -53.90 6.85
C SER B 480 -24.38 -53.93 5.45
N TYR B 481 -23.08 -53.79 5.34
CA TYR B 481 -22.39 -53.77 4.05
C TYR B 481 -21.17 -54.64 4.17
N ARG B 482 -20.89 -55.44 3.16
CA ARG B 482 -19.65 -56.21 3.18
C ARG B 482 -19.15 -56.45 1.77
N ASP B 483 -17.88 -56.13 1.55
CA ASP B 483 -17.23 -56.34 0.29
C ASP B 483 -16.78 -57.81 0.19
N ILE B 484 -17.23 -58.54 -0.83
CA ILE B 484 -16.80 -59.92 -1.08
C ILE B 484 -15.32 -60.12 -1.37
N ASP B 485 -14.68 -59.14 -2.00
CA ASP B 485 -13.25 -59.26 -2.32
C ASP B 485 -12.57 -57.93 -2.64
N PRO B 486 -12.09 -57.25 -1.59
CA PRO B 486 -11.45 -55.94 -1.73
C PRO B 486 -10.24 -55.93 -2.67
N SER B 487 -9.71 -57.09 -3.03
CA SER B 487 -8.53 -57.09 -3.87
C SER B 487 -8.86 -57.04 -5.37
N ASN B 488 -10.10 -57.35 -5.72
CA ASN B 488 -10.52 -57.50 -7.12
C ASN B 488 -10.61 -56.16 -7.89
N ALA B 489 -9.91 -56.06 -9.00
CA ALA B 489 -9.79 -54.79 -9.72
C ALA B 489 -10.66 -54.78 -10.99
N ASP B 490 -11.45 -55.83 -11.17
CA ASP B 490 -12.33 -56.00 -12.34
C ASP B 490 -13.83 -55.81 -12.05
N VAL B 491 -14.32 -56.60 -11.10
CA VAL B 491 -15.74 -56.64 -10.76
C VAL B 491 -15.90 -56.29 -9.28
N TYR B 492 -16.77 -55.31 -9.00
CA TYR B 492 -17.06 -54.80 -7.66
C TYR B 492 -18.28 -55.53 -7.11
N ALA B 493 -18.07 -56.36 -6.09
CA ALA B 493 -19.19 -57.08 -5.50
C ALA B 493 -19.28 -56.98 -3.99
N TYR B 494 -20.50 -56.79 -3.49
CA TYR B 494 -20.74 -56.63 -2.07
C TYR B 494 -22.13 -57.13 -1.76
N THR B 495 -22.43 -57.27 -0.47
CA THR B 495 -23.73 -57.64 -0.01
C THR B 495 -24.27 -56.59 0.97
N ARG B 496 -25.58 -56.42 0.97
CA ARG B 496 -26.25 -55.59 1.95
C ARG B 496 -27.20 -56.56 2.68
N SER B 497 -27.25 -56.51 4.02
CA SER B 497 -28.06 -57.47 4.73
C SER B 497 -28.81 -56.87 5.91
N GLN B 498 -30.02 -57.36 6.15
CA GLN B 498 -30.78 -56.88 7.28
C GLN B 498 -31.92 -57.83 7.63
N ASP B 499 -32.03 -58.17 8.92
CA ASP B 499 -33.11 -59.02 9.43
C ASP B 499 -33.25 -60.32 8.67
N GLY B 500 -32.15 -61.02 8.44
CA GLY B 500 -32.23 -62.32 7.78
C GLY B 500 -32.25 -62.32 6.26
N GLU B 501 -32.40 -61.15 5.63
CA GLU B 501 -32.42 -61.04 4.15
C GLU B 501 -31.15 -60.43 3.58
N THR B 502 -30.54 -61.09 2.58
CA THR B 502 -29.28 -60.64 1.99
C THR B 502 -29.43 -60.34 0.49
N TYR B 503 -28.90 -59.19 0.06
CA TYR B 503 -28.89 -58.79 -1.34
C TYR B 503 -27.46 -58.72 -1.82
N LEU B 504 -27.24 -59.15 -3.07
CA LEU B 504 -25.94 -59.17 -3.69
C LEU B 504 -25.95 -58.12 -4.78
N VAL B 505 -24.89 -57.32 -4.84
CA VAL B 505 -24.73 -56.31 -5.91
C VAL B 505 -23.47 -56.66 -6.65
N VAL B 506 -23.56 -56.74 -7.97
CA VAL B 506 -22.42 -57.08 -8.80
C VAL B 506 -22.32 -56.09 -9.94
N VAL B 507 -21.15 -55.46 -10.09
CA VAL B 507 -20.95 -54.41 -11.08
C VAL B 507 -19.62 -54.64 -11.81
N ASN B 508 -19.68 -54.88 -13.13
CA ASN B 508 -18.45 -55.05 -13.91
C ASN B 508 -17.88 -53.68 -14.29
N PHE B 509 -16.69 -53.31 -13.80
CA PHE B 509 -16.08 -52.02 -14.18
C PHE B 509 -15.26 -52.08 -15.46
N LYS B 510 -15.15 -53.27 -16.05
CA LYS B 510 -14.42 -53.47 -17.33
C LYS B 510 -15.28 -53.33 -18.58
N ALA B 511 -14.69 -52.82 -19.66
CA ALA B 511 -15.40 -52.74 -20.95
C ALA B 511 -15.26 -54.04 -21.76
N GLU B 512 -15.39 -55.17 -21.08
CA GLU B 512 -15.39 -56.47 -21.73
C GLU B 512 -15.89 -57.56 -20.80
N PRO B 513 -16.29 -58.71 -21.38
CA PRO B 513 -16.99 -59.66 -20.51
C PRO B 513 -16.12 -60.13 -19.34
N ARG B 514 -16.75 -60.46 -18.22
CA ARG B 514 -16.05 -60.96 -17.06
C ARG B 514 -16.98 -61.97 -16.43
N SER B 515 -16.41 -62.87 -15.66
CA SER B 515 -17.18 -63.80 -14.84
C SER B 515 -16.98 -63.52 -13.36
N PHE B 516 -18.07 -63.72 -12.62
CA PHE B 516 -18.05 -63.59 -11.18
C PHE B 516 -18.58 -64.90 -10.56
N THR B 517 -17.87 -65.44 -9.58
CA THR B 517 -18.38 -66.58 -8.83
C THR B 517 -18.84 -66.12 -7.45
N LEU B 518 -20.04 -66.56 -7.03
CA LEU B 518 -20.56 -66.22 -5.72
C LEU B 518 -19.73 -66.88 -4.61
N PRO B 519 -19.72 -66.28 -3.41
CA PRO B 519 -19.17 -67.01 -2.27
C PRO B 519 -19.84 -68.38 -2.13
N ASP B 520 -19.08 -69.40 -1.72
CA ASP B 520 -19.69 -70.65 -1.33
C ASP B 520 -20.20 -70.35 0.07
N GLY B 521 -21.43 -70.71 0.43
CA GLY B 521 -22.39 -71.37 -0.43
C GLY B 521 -23.58 -70.44 -0.59
N MET B 522 -23.33 -69.34 -1.31
CA MET B 522 -24.35 -68.39 -1.69
C MET B 522 -24.94 -68.69 -3.07
N HIS B 523 -26.26 -68.56 -3.20
CA HIS B 523 -26.94 -68.84 -4.45
C HIS B 523 -27.96 -67.75 -4.74
N ILE B 524 -28.12 -67.38 -6.01
CA ILE B 524 -29.14 -66.40 -6.35
C ILE B 524 -30.55 -66.93 -6.16
N ALA B 525 -31.40 -66.08 -5.58
CA ALA B 525 -32.78 -66.42 -5.37
C ALA B 525 -33.62 -65.71 -6.41
N GLU B 526 -33.45 -64.40 -6.50
CA GLU B 526 -34.24 -63.55 -7.39
C GLU B 526 -33.33 -62.49 -8.02
N THR B 527 -33.79 -61.88 -9.11
CA THR B 527 -33.07 -60.77 -9.72
C THR B 527 -33.95 -59.55 -9.63
N LEU B 528 -33.51 -58.55 -8.90
CA LEU B 528 -34.27 -57.32 -8.78
C LEU B 528 -34.11 -56.47 -10.01
N ILE B 529 -32.88 -56.37 -10.52
CA ILE B 529 -32.61 -55.49 -11.66
C ILE B 529 -31.20 -55.69 -12.21
N GLU B 530 -31.04 -55.43 -13.51
CA GLU B 530 -29.74 -55.38 -14.16
C GLU B 530 -29.76 -54.29 -15.23
N SER B 531 -28.56 -53.80 -15.54
CA SER B 531 -28.33 -52.93 -16.69
C SER B 531 -27.33 -53.67 -17.59
N SER B 532 -27.47 -53.53 -18.90
CA SER B 532 -26.51 -54.07 -19.87
C SER B 532 -26.42 -55.59 -19.87
N SER B 533 -27.47 -56.27 -19.40
CA SER B 533 -27.53 -57.74 -19.36
C SER B 533 -28.58 -58.27 -20.33
N PRO B 534 -28.19 -59.25 -21.18
CA PRO B 534 -29.20 -59.85 -22.08
C PRO B 534 -30.09 -60.86 -21.36
N ALA B 535 -29.61 -61.50 -20.30
CA ALA B 535 -30.45 -62.43 -19.54
C ALA B 535 -30.10 -62.48 -18.06
N ALA B 536 -31.12 -62.54 -17.21
CA ALA B 536 -30.93 -62.71 -15.79
C ALA B 536 -30.38 -64.11 -15.50
N PRO B 537 -29.62 -64.27 -14.40
CA PRO B 537 -29.18 -65.63 -14.11
C PRO B 537 -30.36 -66.50 -13.70
N ALA B 538 -30.18 -67.81 -13.67
CA ALA B 538 -31.23 -68.72 -13.20
C ALA B 538 -31.27 -68.84 -11.68
N ALA B 539 -32.47 -69.02 -11.14
CA ALA B 539 -32.64 -69.27 -9.72
C ALA B 539 -31.74 -70.44 -9.28
N GLY B 540 -30.83 -70.16 -8.35
CA GLY B 540 -29.89 -71.15 -7.82
C GLY B 540 -28.48 -70.98 -8.35
N ALA B 541 -28.31 -70.04 -9.27
CA ALA B 541 -27.00 -69.75 -9.86
C ALA B 541 -25.94 -69.56 -8.81
N ALA B 542 -24.77 -70.12 -9.06
CA ALA B 542 -23.62 -69.99 -8.17
C ALA B 542 -22.55 -69.06 -8.75
N SER B 543 -22.83 -68.48 -9.91
CA SER B 543 -21.86 -67.60 -10.56
C SER B 543 -22.59 -66.76 -11.60
N LEU B 544 -21.90 -65.77 -12.16
CA LEU B 544 -22.54 -64.89 -13.12
C LEU B 544 -21.62 -64.65 -14.28
N GLU B 545 -22.21 -64.53 -15.47
CA GLU B 545 -21.49 -64.13 -16.65
C GLU B 545 -21.88 -62.69 -16.88
N LEU B 546 -20.85 -61.86 -16.98
CA LEU B 546 -21.02 -60.42 -17.00
C LEU B 546 -20.62 -59.87 -18.36
N GLN B 547 -21.52 -59.08 -18.95
CA GLN B 547 -21.23 -58.27 -20.12
C GLN B 547 -20.40 -57.04 -19.71
N PRO B 548 -19.70 -56.40 -20.66
CA PRO B 548 -19.04 -55.11 -20.40
C PRO B 548 -19.94 -54.15 -19.61
N TRP B 549 -19.40 -53.55 -18.55
CA TRP B 549 -20.17 -52.59 -17.72
C TRP B 549 -21.54 -53.02 -17.17
N GLN B 550 -21.78 -54.33 -17.11
CA GLN B 550 -23.03 -54.88 -16.59
C GLN B 550 -23.18 -54.62 -15.09
N SER B 551 -24.38 -54.30 -14.65
CA SER B 551 -24.56 -54.17 -13.22
C SER B 551 -25.82 -54.91 -12.82
N GLY B 552 -25.94 -55.20 -11.53
CA GLY B 552 -27.15 -55.87 -11.06
C GLY B 552 -27.32 -56.04 -9.55
N ILE B 553 -28.57 -56.14 -9.13
CA ILE B 553 -28.95 -56.36 -7.73
C ILE B 553 -29.73 -57.67 -7.67
N TYR B 554 -29.33 -58.54 -6.75
CA TYR B 554 -29.93 -59.87 -6.61
C TYR B 554 -30.27 -60.13 -5.14
N LYS B 555 -31.41 -60.76 -4.89
CA LYS B 555 -31.69 -61.35 -3.56
C LYS B 555 -30.98 -62.70 -3.58
N VAL B 556 -30.14 -62.97 -2.59
CA VAL B 556 -29.48 -64.25 -2.57
C VAL B 556 -30.14 -65.12 -1.51
N LYS B 557 -29.82 -66.42 -1.56
CA LYS B 557 -30.29 -67.38 -0.57
C LYS B 557 -29.12 -68.23 -0.06
#